data_9EQ6
#
_entry.id   9EQ6
#
_cell.length_a   123.107
_cell.length_b   123.107
_cell.length_c   367.629
_cell.angle_alpha   90.00
_cell.angle_beta   90.00
_cell.angle_gamma   90.00
#
_symmetry.space_group_name_H-M   'P 41 21 2'
#
loop_
_entity.id
_entity.type
_entity.pdbx_description
1 polymer Frizzled-5
2 polymer 'VWFA and cache domain-containing protein 1'
3 non-polymer 2-acetamido-2-deoxy-beta-D-glucopyranose
4 non-polymer 'SULFATE ION'
5 water water
#
loop_
_entity_poly.entity_id
_entity_poly.type
_entity_poly.pdbx_seq_one_letter_code
_entity_poly.pdbx_strand_id
1 'polypeptide(L)'
;ETHASKAPVCQEITVPMCRGIGYNLTHMPNQFNHDTQDEAGLEVHQFWPLVEIHCSPDLRFFLCSMYTPICLPDYHKPLP
PCRSVCERAKAGCSPLMRQYGFAWPERMSCDRLPVLGGDAEVLCMDYNRSEATGLEVLFQ
;
B
2 'polypeptide(L)'
;MAREPEEEETVRPAAVVRRCPRCPGWPGAPRPPLWLLCLVACWILGAVADADFSILDEAQVLASQMRRLAAEELGVVTMQ
RIFNSLVYTEKISNGESEVQQLAKKIREKFNRYLDVVNRNKQVVEASYTAHLTSPLTAIQDCCTIPPSMMEFDGNFNTNV
SRTVSCDRLSTTVNSRAFNPGRDLNSVLADNLKSNPGIKWQYFSSEEGIFTVFPAHKFRCKGSYEHRSRPIYVSTVRPQS
KHIVVILDHGASVTDTQLQIAKDAAQVILSAIDEHDKISVLTVADAVRTCSLDQCYKTYLSPATSETKRKMSTFVSSVKP
SDSPTQHAVGFHRAFQLIRSTSNSTRFQANTDMVIIYLSAGITSKDSSEEDKKATLRVINEENGFLNNSVMILTYALMND
GVTGLKELAFLRDLAEQNSGKYGIPDRTALPVIKGSMMVLNQLSNLETTVGRFYTNLPNRMIDEAVFSLPFSDEMGDGLI
MTVSKPCYFGNLLLGIVGVDVNLAYILEDVTYYQDSLASYTFLIDDKGYTLMHPSLTRPYLLSEPPLHTDIIHYENIPKF
ELVRQNILSLPLGSQIITVPVNSSLSWHINKLRETGKEAYNVSYAWKMVQDTSFILCIVVIQPEIPVKQLKNLNTVPSSK
LLYHRLDLLGQPSACLHFKQLATLESPTVMLSAGSFSSPYEHLSQPETKRMVEHYTAYLSDNTRLIANPGLKFSVRNEVM
ATSHVTDEWMTQMEMSSLNTYIVRRYIATPNGVLRIYPGSLMDKAFDPTRRQWYLHAVANPGLISLTGPYLDVGGAGYVV
TISHTIHSSSTQLSSGHTVAVMGIDFTLRYFYKVLMDLLPVCNQDGGNKIRCFIMEDRGYLVAHPTLVDPKGHAPLEQQH
ITHKEPLVANDILNHPNFVKKNLCNSFSDRTVQRSYKFNTSLVGDLTNLVHGSHCSKYRLTRIPGTNAFVGIVNETCDSL
AFCACSMVDRLCLNCHRMEQNECECPCECPLEVNECTGNLTNAENRNPSCEVHQEPVTYTAIDPGLQDALQQCVNSRCNQ
RMESGDCFGVLDCEWCVVDSDGKTHLDKSYCAPQKECFGGIVGAKSPYVDDMGATGLEVLFQ
;
A
#
# COMPACT_ATOMS: atom_id res chain seq x y z
N VAL A 9 7.59 -19.71 -56.83
CA VAL A 9 7.39 -18.29 -57.02
C VAL A 9 7.23 -17.59 -55.68
N CYS A 10 7.99 -16.53 -55.47
CA CYS A 10 7.98 -15.83 -54.20
C CYS A 10 6.75 -14.94 -54.08
N GLN A 11 6.32 -14.72 -52.84
CA GLN A 11 5.20 -13.85 -52.53
C GLN A 11 5.63 -12.81 -51.50
N GLU A 12 4.85 -11.73 -51.42
CA GLU A 12 5.21 -10.60 -50.57
C GLU A 12 4.88 -10.89 -49.10
N ILE A 13 5.65 -10.26 -48.22
CA ILE A 13 5.43 -10.41 -46.78
C ILE A 13 4.11 -9.75 -46.41
N THR A 14 3.23 -10.53 -45.77
CA THR A 14 1.94 -10.01 -45.33
C THR A 14 1.87 -9.75 -43.82
N VAL A 15 2.59 -10.54 -43.03
CA VAL A 15 2.62 -10.36 -41.58
C VAL A 15 3.29 -9.01 -41.28
N PRO A 16 2.60 -8.09 -40.60
CA PRO A 16 3.15 -6.74 -40.41
C PRO A 16 4.39 -6.69 -39.53
N MET A 17 4.58 -7.68 -38.65
CA MET A 17 5.76 -7.69 -37.79
C MET A 17 7.04 -7.82 -38.59
N CYS A 18 6.97 -8.49 -39.75
CA CYS A 18 8.15 -8.77 -40.56
C CYS A 18 8.29 -7.83 -41.75
N ARG A 19 7.64 -6.67 -41.71
CA ARG A 19 7.77 -5.66 -42.74
C ARG A 19 8.81 -4.64 -42.31
N GLY A 20 9.73 -4.31 -43.23
CA GLY A 20 10.79 -3.37 -42.93
C GLY A 20 12.03 -4.01 -42.33
N ILE A 21 12.28 -5.29 -42.61
CA ILE A 21 13.45 -5.98 -42.06
C ILE A 21 14.61 -6.03 -43.04
N GLY A 22 14.40 -5.72 -44.31
CA GLY A 22 15.44 -5.80 -45.31
C GLY A 22 14.98 -6.46 -46.59
N TYR A 23 13.94 -7.29 -46.48
CA TYR A 23 13.34 -7.95 -47.63
C TYR A 23 11.83 -8.05 -47.42
N ASN A 24 11.11 -8.26 -48.52
CA ASN A 24 9.66 -8.42 -48.46
C ASN A 24 9.21 -9.49 -49.45
N LEU A 25 9.96 -10.58 -49.53
CA LEU A 25 9.60 -11.73 -50.34
C LEU A 25 9.84 -13.00 -49.54
N THR A 26 8.83 -13.88 -49.50
CA THR A 26 8.92 -15.13 -48.77
C THR A 26 8.21 -16.22 -49.57
N HIS A 27 8.24 -17.45 -49.02
CA HIS A 27 7.62 -18.59 -49.67
C HIS A 27 7.24 -19.60 -48.61
N MET A 28 5.94 -19.95 -48.54
CA MET A 28 5.46 -20.97 -47.63
C MET A 28 5.39 -22.32 -48.35
N PRO A 29 5.55 -23.45 -47.62
CA PRO A 29 5.74 -23.55 -46.17
C PRO A 29 7.13 -23.17 -45.71
N ASN A 30 7.24 -22.78 -44.44
CA ASN A 30 8.51 -22.37 -43.85
C ASN A 30 9.16 -23.56 -43.14
N GLN A 31 10.12 -23.29 -42.26
CA GLN A 31 10.80 -24.36 -41.54
C GLN A 31 9.87 -25.05 -40.54
N PHE A 32 8.88 -24.32 -40.03
CA PHE A 32 7.95 -24.86 -39.04
C PHE A 32 6.72 -25.48 -39.69
N ASN A 33 6.76 -25.75 -41.00
CA ASN A 33 5.68 -26.42 -41.73
C ASN A 33 4.37 -25.64 -41.68
N HIS A 34 4.46 -24.32 -41.53
CA HIS A 34 3.28 -23.46 -41.62
C HIS A 34 2.86 -23.31 -43.08
N ASP A 35 1.61 -23.63 -43.38
CA ASP A 35 1.16 -23.67 -44.77
C ASP A 35 0.73 -22.31 -45.31
N THR A 36 0.67 -21.27 -44.47
CA THR A 36 0.29 -19.96 -44.94
C THR A 36 0.92 -18.91 -44.04
N GLN A 37 1.00 -17.67 -44.56
CA GLN A 37 1.59 -16.59 -43.80
C GLN A 37 0.72 -16.20 -42.60
N ASP A 38 -0.59 -16.42 -42.68
CA ASP A 38 -1.44 -16.17 -41.53
C ASP A 38 -1.11 -17.13 -40.39
N GLU A 39 -0.89 -18.40 -40.72
CA GLU A 39 -0.51 -19.37 -39.69
C GLU A 39 0.85 -19.04 -39.09
N ALA A 40 1.83 -18.68 -39.93
CA ALA A 40 3.14 -18.33 -39.43
C ALA A 40 3.12 -17.01 -38.68
N GLY A 41 2.27 -16.06 -39.10
CA GLY A 41 2.20 -14.78 -38.43
C GLY A 41 1.63 -14.88 -37.02
N LEU A 42 0.77 -15.86 -36.78
CA LEU A 42 0.21 -16.03 -35.44
C LEU A 42 1.24 -16.55 -34.46
N GLU A 43 2.18 -17.38 -34.92
CA GLU A 43 3.18 -17.93 -34.02
C GLU A 43 4.32 -16.96 -33.79
N VAL A 44 4.76 -16.25 -34.84
CA VAL A 44 5.87 -15.32 -34.69
C VAL A 44 5.44 -14.10 -33.87
N HIS A 45 4.15 -13.76 -33.88
CA HIS A 45 3.68 -12.63 -33.10
C HIS A 45 3.69 -12.90 -31.60
N GLN A 46 3.88 -14.16 -31.18
CA GLN A 46 4.01 -14.45 -29.77
C GLN A 46 5.29 -13.87 -29.17
N PHE A 47 6.28 -13.56 -30.01
CA PHE A 47 7.51 -12.92 -29.57
C PHE A 47 7.44 -11.40 -29.65
N TRP A 48 6.33 -10.85 -30.15
CA TRP A 48 6.24 -9.39 -30.33
C TRP A 48 6.48 -8.59 -29.06
N PRO A 49 6.02 -9.01 -27.87
CA PRO A 49 6.41 -8.26 -26.66
C PRO A 49 7.91 -8.16 -26.46
N LEU A 50 8.66 -9.19 -26.84
CA LEU A 50 10.11 -9.13 -26.70
C LEU A 50 10.73 -8.17 -27.71
N VAL A 51 10.09 -7.98 -28.87
CA VAL A 51 10.63 -7.06 -29.86
C VAL A 51 10.43 -5.61 -29.42
N GLU A 52 9.29 -5.30 -28.81
CA GLU A 52 9.03 -3.93 -28.38
C GLU A 52 9.82 -3.53 -27.15
N ILE A 53 10.29 -4.51 -26.36
CA ILE A 53 11.10 -4.18 -25.18
C ILE A 53 12.55 -3.94 -25.53
N HIS A 54 12.96 -4.22 -26.77
CA HIS A 54 14.29 -3.88 -27.29
C HIS A 54 15.41 -4.55 -26.49
N CYS A 55 15.31 -5.87 -26.35
CA CYS A 55 16.38 -6.63 -25.72
C CYS A 55 17.51 -6.97 -26.68
N SER A 56 17.27 -6.83 -27.99
CA SER A 56 18.28 -7.09 -29.02
C SER A 56 17.80 -6.56 -30.37
N PRO A 57 18.60 -5.72 -31.04
CA PRO A 57 18.21 -5.23 -32.38
C PRO A 57 18.14 -6.32 -33.42
N ASP A 58 18.70 -7.50 -33.16
CA ASP A 58 18.69 -8.62 -34.08
C ASP A 58 17.49 -9.54 -33.90
N LEU A 59 16.64 -9.26 -32.91
CA LEU A 59 15.57 -10.20 -32.58
C LEU A 59 14.51 -10.24 -33.68
N ARG A 60 14.02 -9.08 -34.11
CA ARG A 60 12.98 -9.05 -35.12
C ARG A 60 13.45 -9.69 -36.43
N PHE A 61 14.71 -9.45 -36.80
CA PHE A 61 15.24 -10.03 -38.03
C PHE A 61 15.47 -11.54 -37.87
N PHE A 62 15.99 -11.96 -36.72
CA PHE A 62 16.27 -13.38 -36.51
C PHE A 62 14.99 -14.20 -36.51
N LEU A 63 13.93 -13.68 -35.88
CA LEU A 63 12.66 -14.40 -35.85
C LEU A 63 12.03 -14.44 -37.25
N CYS A 64 12.02 -13.30 -37.94
CA CYS A 64 11.38 -13.24 -39.25
C CYS A 64 12.16 -14.04 -40.29
N SER A 65 13.48 -14.13 -40.15
CA SER A 65 14.27 -14.94 -41.08
C SER A 65 13.97 -16.42 -40.96
N MET A 66 13.33 -16.84 -39.88
CA MET A 66 12.94 -18.23 -39.67
C MET A 66 11.47 -18.50 -39.95
N TYR A 67 10.58 -17.61 -39.50
CA TYR A 67 9.15 -17.82 -39.71
C TYR A 67 8.70 -17.38 -41.10
N THR A 68 9.34 -16.35 -41.66
CA THR A 68 9.08 -15.90 -43.03
C THR A 68 10.42 -15.85 -43.75
N PRO A 69 10.97 -17.00 -44.13
CA PRO A 69 12.31 -17.01 -44.73
C PRO A 69 12.34 -16.25 -46.04
N ILE A 70 13.48 -15.63 -46.32
CA ILE A 70 13.63 -14.83 -47.53
C ILE A 70 13.53 -15.72 -48.76
N CYS A 71 12.86 -15.22 -49.79
CA CYS A 71 12.68 -15.93 -51.05
C CYS A 71 13.24 -15.07 -52.16
N LEU A 72 14.33 -15.51 -52.78
CA LEU A 72 14.90 -14.81 -53.91
C LEU A 72 14.49 -15.49 -55.20
N PRO A 73 14.02 -14.74 -56.21
CA PRO A 73 13.53 -15.38 -57.44
C PRO A 73 14.62 -16.02 -58.28
N ASP A 74 15.89 -15.80 -57.96
CA ASP A 74 17.00 -16.32 -58.76
C ASP A 74 17.90 -17.30 -58.00
N TYR A 75 17.69 -17.49 -56.70
CA TYR A 75 18.56 -18.34 -55.89
C TYR A 75 18.05 -19.76 -55.75
N HIS A 76 16.76 -19.92 -55.43
CA HIS A 76 16.10 -21.23 -55.38
C HIS A 76 16.72 -22.16 -54.34
N LYS A 77 17.22 -21.58 -53.25
CA LYS A 77 17.79 -22.36 -52.14
C LYS A 77 17.43 -21.66 -50.84
N PRO A 78 17.29 -22.42 -49.75
CA PRO A 78 17.01 -21.79 -48.45
C PRO A 78 18.18 -20.94 -47.99
N LEU A 79 17.88 -19.69 -47.62
CA LEU A 79 18.89 -18.73 -47.17
C LEU A 79 18.66 -18.44 -45.70
N PRO A 80 19.25 -19.24 -44.79
CA PRO A 80 19.00 -19.05 -43.37
C PRO A 80 19.86 -17.94 -42.81
N PRO A 81 19.58 -17.47 -41.60
CA PRO A 81 20.49 -16.52 -40.95
C PRO A 81 21.74 -17.22 -40.45
N CYS A 82 22.82 -16.43 -40.33
CA CYS A 82 24.06 -16.98 -39.83
C CYS A 82 23.95 -17.30 -38.35
N ARG A 83 24.91 -18.09 -37.85
CA ARG A 83 24.95 -18.41 -36.43
C ARG A 83 25.26 -17.18 -35.59
N SER A 84 25.90 -16.17 -36.17
CA SER A 84 26.29 -14.98 -35.40
C SER A 84 25.08 -14.15 -35.00
N VAL A 85 24.10 -14.02 -35.89
CA VAL A 85 22.91 -13.24 -35.55
C VAL A 85 22.03 -14.00 -34.56
N CYS A 86 22.04 -15.33 -34.62
CA CYS A 86 21.32 -16.12 -33.63
C CYS A 86 21.93 -15.95 -32.25
N GLU A 87 23.26 -15.95 -32.16
CA GLU A 87 23.92 -15.79 -30.87
C GLU A 87 23.75 -14.38 -30.33
N ARG A 88 23.84 -13.36 -31.20
CA ARG A 88 23.65 -11.99 -30.75
C ARG A 88 22.21 -11.73 -30.32
N ALA A 89 21.24 -12.43 -30.92
CA ALA A 89 19.86 -12.29 -30.49
C ALA A 89 19.64 -12.94 -29.12
N LYS A 90 20.19 -14.14 -28.92
CA LYS A 90 20.01 -14.83 -27.65
C LYS A 90 20.85 -14.19 -26.55
N ALA A 91 21.99 -13.60 -26.88
CA ALA A 91 22.82 -12.97 -25.86
C ALA A 91 22.12 -11.81 -25.19
N GLY A 92 21.16 -11.18 -25.87
CA GLY A 92 20.52 -9.99 -25.33
C GLY A 92 19.11 -10.21 -24.84
N CYS A 93 18.47 -11.31 -25.27
CA CYS A 93 17.08 -11.56 -24.93
C CYS A 93 16.85 -12.82 -24.11
N SER A 94 17.73 -13.82 -24.20
CA SER A 94 17.49 -15.08 -23.48
C SER A 94 17.39 -14.89 -21.97
N PRO A 95 18.30 -14.19 -21.28
CA PRO A 95 18.13 -14.04 -19.83
C PRO A 95 16.83 -13.35 -19.44
N LEU A 96 16.33 -12.44 -20.28
CA LEU A 96 15.02 -11.85 -20.03
C LEU A 96 13.90 -12.84 -20.33
N MET A 97 14.09 -13.70 -21.33
CA MET A 97 13.07 -14.68 -21.68
C MET A 97 12.90 -15.72 -20.57
N ARG A 98 14.01 -16.12 -19.93
CA ARG A 98 13.92 -17.06 -18.83
C ARG A 98 13.20 -16.49 -17.62
N GLN A 99 13.18 -15.16 -17.48
CA GLN A 99 12.51 -14.55 -16.33
C GLN A 99 11.00 -14.43 -16.56
N TYR A 100 10.59 -14.17 -17.80
CA TYR A 100 9.19 -13.89 -18.10
C TYR A 100 8.48 -15.05 -18.80
N GLY A 101 9.08 -16.24 -18.81
CA GLY A 101 8.39 -17.43 -19.28
C GLY A 101 8.46 -17.69 -20.77
N PHE A 102 9.27 -16.93 -21.51
CA PHE A 102 9.47 -17.20 -22.92
C PHE A 102 10.52 -18.28 -23.10
N ALA A 103 10.43 -19.00 -24.22
CA ALA A 103 11.33 -20.12 -24.50
C ALA A 103 11.64 -20.19 -25.98
N TRP A 104 12.89 -20.51 -26.29
CA TRP A 104 13.29 -20.74 -27.68
C TRP A 104 12.86 -22.14 -28.11
N PRO A 105 12.20 -22.29 -29.25
CA PRO A 105 11.96 -23.63 -29.79
C PRO A 105 13.28 -24.31 -30.13
N GLU A 106 13.31 -25.64 -29.95
CA GLU A 106 14.53 -26.40 -30.23
C GLU A 106 14.94 -26.31 -31.69
N ARG A 107 13.99 -25.99 -32.59
CA ARG A 107 14.32 -25.80 -34.00
C ARG A 107 15.09 -24.50 -34.24
N MET A 108 15.19 -23.64 -33.24
CA MET A 108 15.90 -22.36 -33.37
C MET A 108 17.22 -22.35 -32.60
N SER A 109 17.78 -23.52 -32.31
CA SER A 109 19.11 -23.58 -31.72
C SER A 109 20.14 -23.07 -32.71
N CYS A 110 21.07 -22.24 -32.22
CA CYS A 110 22.03 -21.60 -33.11
C CYS A 110 22.97 -22.61 -33.77
N ASP A 111 23.07 -23.83 -33.24
CA ASP A 111 23.92 -24.84 -33.85
C ASP A 111 23.35 -25.35 -35.17
N ARG A 112 22.06 -25.15 -35.42
CA ARG A 112 21.43 -25.55 -36.67
C ARG A 112 21.69 -24.57 -37.81
N LEU A 113 22.46 -23.51 -37.57
CA LEU A 113 22.70 -22.48 -38.56
C LEU A 113 24.17 -22.50 -39.01
N PRO A 114 24.43 -22.08 -40.25
CA PRO A 114 25.81 -22.06 -40.74
C PRO A 114 26.66 -21.01 -40.04
N VAL A 115 27.97 -21.24 -40.04
CA VAL A 115 28.94 -20.33 -39.43
C VAL A 115 29.51 -19.43 -40.51
N LEU A 116 29.94 -18.23 -40.10
CA LEU A 116 30.51 -17.25 -41.02
C LEU A 116 31.73 -17.81 -41.76
N ASP A 119 34.01 -21.09 -42.96
CA ASP A 119 33.67 -22.49 -42.77
C ASP A 119 33.59 -23.23 -44.10
N ALA A 120 32.43 -23.17 -44.75
CA ALA A 120 32.22 -23.81 -46.03
C ALA A 120 31.35 -22.89 -46.88
N GLU A 121 30.95 -23.39 -48.06
CA GLU A 121 30.12 -22.61 -48.97
C GLU A 121 28.63 -22.71 -48.65
N VAL A 122 28.27 -22.58 -47.38
CA VAL A 122 26.88 -22.49 -46.96
C VAL A 122 26.53 -21.00 -46.85
N LEU A 123 25.64 -20.54 -47.71
CA LEU A 123 25.28 -19.13 -47.73
C LEU A 123 24.31 -18.81 -46.60
N CYS A 124 24.67 -17.83 -45.78
CA CYS A 124 23.83 -17.38 -44.68
C CYS A 124 23.68 -15.86 -44.75
N MET A 125 22.89 -15.30 -43.84
CA MET A 125 22.40 -13.92 -43.94
C MET A 125 22.67 -13.17 -42.64
N ASP A 126 23.85 -12.58 -42.53
CA ASP A 126 24.20 -11.65 -41.47
C ASP A 126 24.43 -10.28 -42.08
N TYR A 127 23.70 -9.28 -41.60
CA TYR A 127 23.76 -7.95 -42.20
C TYR A 127 24.88 -7.08 -41.63
N ASN A 128 25.45 -7.45 -40.47
CA ASN A 128 26.57 -6.71 -39.94
C ASN A 128 27.91 -7.12 -40.56
N ARG A 129 27.95 -8.27 -41.24
CA ARG A 129 29.14 -8.76 -41.92
C ARG A 129 29.01 -8.72 -43.44
N SER A 130 28.21 -7.79 -43.96
CA SER A 130 28.02 -7.66 -45.40
C SER A 130 29.05 -6.70 -45.99
N PHE B 53 -15.81 -32.37 -25.27
CA PHE B 53 -16.23 -31.49 -26.35
C PHE B 53 -17.47 -30.71 -25.95
N SER B 54 -18.39 -31.37 -25.24
CA SER B 54 -19.58 -30.73 -24.71
C SER B 54 -19.27 -30.11 -23.35
N ILE B 55 -19.84 -28.92 -23.10
CA ILE B 55 -19.51 -28.18 -21.90
C ILE B 55 -20.76 -27.55 -21.31
N LEU B 56 -21.79 -27.34 -22.13
CA LEU B 56 -22.98 -26.61 -21.68
C LEU B 56 -23.73 -27.40 -20.61
N ASP B 57 -24.21 -28.60 -20.96
CA ASP B 57 -24.90 -29.44 -19.99
C ASP B 57 -24.02 -29.74 -18.80
N GLU B 58 -22.70 -29.87 -19.02
CA GLU B 58 -21.78 -30.06 -17.91
C GLU B 58 -21.71 -28.85 -17.00
N ALA B 59 -21.93 -27.65 -17.55
CA ALA B 59 -21.87 -26.44 -16.75
C ALA B 59 -23.12 -26.24 -15.91
N GLN B 60 -24.29 -26.61 -16.46
CA GLN B 60 -25.53 -26.49 -15.70
C GLN B 60 -25.50 -27.38 -14.47
N VAL B 61 -24.92 -28.57 -14.58
CA VAL B 61 -24.83 -29.47 -13.44
C VAL B 61 -23.80 -28.94 -12.43
N LEU B 62 -22.73 -28.33 -12.93
CA LEU B 62 -21.77 -27.70 -12.02
C LEU B 62 -22.40 -26.52 -11.28
N ALA B 63 -23.38 -25.86 -11.90
CA ALA B 63 -24.06 -24.76 -11.23
C ALA B 63 -24.95 -25.25 -10.09
N SER B 64 -25.53 -26.45 -10.23
CA SER B 64 -26.33 -27.00 -9.16
C SER B 64 -25.48 -27.30 -7.93
N GLN B 65 -24.24 -27.76 -8.14
CA GLN B 65 -23.34 -27.96 -7.02
C GLN B 65 -23.03 -26.64 -6.32
N MET B 66 -22.92 -25.55 -7.08
CA MET B 66 -22.69 -24.24 -6.46
C MET B 66 -23.91 -23.81 -5.65
N ARG B 67 -25.11 -24.06 -6.17
CA ARG B 67 -26.32 -23.75 -5.40
C ARG B 67 -26.45 -24.66 -4.18
N ARG B 68 -26.03 -25.92 -4.31
CA ARG B 68 -26.10 -26.84 -3.17
C ARG B 68 -25.14 -26.43 -2.06
N LEU B 69 -24.06 -25.73 -2.39
CA LEU B 69 -23.14 -25.22 -1.38
C LEU B 69 -23.60 -23.87 -0.81
N ALA B 70 -24.20 -23.02 -1.65
CA ALA B 70 -24.65 -21.72 -1.17
C ALA B 70 -25.99 -21.82 -0.45
N ALA B 71 -26.92 -22.63 -0.95
CA ALA B 71 -28.25 -22.64 -0.37
C ALA B 71 -28.35 -23.61 0.81
N GLU B 72 -27.84 -24.83 0.65
CA GLU B 72 -27.98 -25.86 1.67
C GLU B 72 -26.91 -25.78 2.75
N GLU B 73 -25.64 -25.76 2.34
CA GLU B 73 -24.55 -25.78 3.32
C GLU B 73 -24.36 -24.42 3.97
N LEU B 74 -24.57 -23.33 3.23
CA LEU B 74 -24.35 -21.99 3.77
C LEU B 74 -25.62 -21.37 4.32
N GLY B 75 -26.75 -21.53 3.61
CA GLY B 75 -28.02 -21.01 4.08
C GLY B 75 -28.38 -19.65 3.52
N VAL B 76 -28.04 -19.43 2.24
CA VAL B 76 -28.31 -18.14 1.62
C VAL B 76 -29.80 -17.95 1.39
N VAL B 77 -30.49 -19.00 0.93
CA VAL B 77 -31.91 -18.88 0.64
C VAL B 77 -32.71 -18.65 1.91
N THR B 78 -32.31 -19.29 3.01
CA THR B 78 -33.02 -19.11 4.27
C THR B 78 -32.83 -17.69 4.80
N MET B 79 -31.58 -17.21 4.81
CA MET B 79 -31.31 -15.87 5.34
C MET B 79 -31.91 -14.78 4.47
N GLN B 80 -31.94 -14.97 3.14
CA GLN B 80 -32.56 -13.99 2.28
C GLN B 80 -34.07 -13.95 2.51
N ARG B 81 -34.68 -15.10 2.77
CA ARG B 81 -36.11 -15.12 3.08
C ARG B 81 -36.39 -14.41 4.40
N ILE B 82 -35.49 -14.56 5.38
CA ILE B 82 -35.69 -13.93 6.69
C ILE B 82 -35.48 -12.42 6.58
N PHE B 83 -34.37 -12.01 5.95
CA PHE B 83 -34.12 -10.58 5.78
C PHE B 83 -35.17 -9.91 4.90
N ASN B 84 -35.88 -10.68 4.08
CA ASN B 84 -36.95 -10.11 3.27
C ASN B 84 -38.21 -9.87 4.10
N SER B 85 -38.40 -10.63 5.18
CA SER B 85 -39.57 -10.48 6.05
C SER B 85 -39.35 -9.46 7.16
N LEU B 86 -38.13 -8.99 7.36
CA LEU B 86 -37.87 -7.97 8.36
C LEU B 86 -38.40 -6.62 7.90
N VAL B 87 -38.56 -5.71 8.85
CA VAL B 87 -39.09 -4.37 8.60
C VAL B 87 -37.93 -3.37 8.60
N TYR B 88 -37.99 -2.42 7.67
CA TYR B 88 -36.95 -1.42 7.52
C TYR B 88 -37.56 -0.03 7.55
N THR B 89 -36.77 0.95 7.99
CA THR B 89 -37.15 2.35 8.00
C THR B 89 -36.30 3.10 6.98
N GLU B 90 -36.96 3.83 6.10
CA GLU B 90 -36.27 4.53 5.01
C GLU B 90 -35.84 5.92 5.45
N LYS B 91 -34.65 6.33 4.99
CA LYS B 91 -34.13 7.65 5.26
C LYS B 91 -33.64 8.28 3.95
N ILE B 92 -33.73 9.60 3.87
CA ILE B 92 -33.23 10.37 2.74
C ILE B 92 -32.42 11.53 3.27
N SER B 93 -31.20 11.69 2.77
CA SER B 93 -30.33 12.75 3.24
C SER B 93 -29.29 13.06 2.16
N ASN B 94 -28.86 14.32 2.14
CA ASN B 94 -27.80 14.78 1.24
C ASN B 94 -26.43 14.78 1.91
N GLY B 95 -26.36 14.41 3.19
CA GLY B 95 -25.11 14.39 3.93
C GLY B 95 -24.86 15.63 4.77
N GLU B 96 -25.68 16.66 4.63
CA GLU B 96 -25.47 17.88 5.41
C GLU B 96 -25.74 17.66 6.89
N SER B 97 -26.76 16.85 7.21
CA SER B 97 -27.02 16.54 8.61
C SER B 97 -25.94 15.63 9.18
N GLU B 98 -25.42 14.71 8.36
CA GLU B 98 -24.40 13.78 8.85
C GLU B 98 -23.05 14.46 9.00
N VAL B 99 -22.72 15.40 8.10
CA VAL B 99 -21.44 16.09 8.21
C VAL B 99 -21.44 17.03 9.40
N GLN B 100 -22.62 17.51 9.83
CA GLN B 100 -22.68 18.35 11.01
C GLN B 100 -22.50 17.53 12.28
N GLN B 101 -23.13 16.36 12.35
CA GLN B 101 -23.03 15.53 13.55
C GLN B 101 -21.64 14.93 13.70
N LEU B 102 -21.04 14.49 12.59
CA LEU B 102 -19.72 13.89 12.66
C LEU B 102 -18.64 14.95 12.92
N ALA B 103 -18.83 16.17 12.43
CA ALA B 103 -17.87 17.23 12.72
C ALA B 103 -17.83 17.54 14.21
N LYS B 104 -18.99 17.47 14.87
CA LYS B 104 -19.04 17.73 16.31
C LYS B 104 -18.20 16.72 17.07
N LYS B 105 -18.20 15.45 16.63
CA LYS B 105 -17.49 14.41 17.37
C LYS B 105 -15.99 14.67 17.40
N ILE B 106 -15.40 14.94 16.23
CA ILE B 106 -13.96 15.18 16.21
C ILE B 106 -13.62 16.57 16.71
N ARG B 107 -14.54 17.53 16.57
CA ARG B 107 -14.29 18.87 17.11
C ARG B 107 -14.17 18.83 18.63
N GLU B 108 -15.02 18.05 19.29
CA GLU B 108 -14.90 17.88 20.74
C GLU B 108 -13.57 17.22 21.11
N LYS B 109 -13.11 16.29 20.27
CA LYS B 109 -11.82 15.63 20.54
C LYS B 109 -10.65 16.57 20.28
N PHE B 110 -10.78 17.47 19.30
CA PHE B 110 -9.72 18.44 19.05
C PHE B 110 -9.79 19.62 20.01
N ASN B 111 -10.97 19.96 20.51
CA ASN B 111 -11.08 21.01 21.52
C ASN B 111 -10.37 20.61 22.80
N ARG B 112 -10.66 19.40 23.30
CA ARG B 112 -9.91 18.87 24.43
C ARG B 112 -8.43 18.71 24.09
N TYR B 113 -8.14 18.39 22.84
CA TYR B 113 -6.74 18.30 22.40
C TYR B 113 -6.06 19.66 22.46
N LEU B 114 -6.75 20.71 22.05
CA LEU B 114 -6.19 22.05 22.09
C LEU B 114 -6.20 22.64 23.50
N ASP B 115 -7.15 22.24 24.34
CA ASP B 115 -7.20 22.75 25.70
C ASP B 115 -6.04 22.24 26.55
N VAL B 116 -5.41 21.14 26.16
CA VAL B 116 -4.29 20.61 26.93
C VAL B 116 -3.01 21.40 26.64
N VAL B 117 -2.74 21.68 25.35
CA VAL B 117 -1.54 22.43 25.02
C VAL B 117 -1.69 23.89 25.44
N ASN B 118 -2.89 24.45 25.33
CA ASN B 118 -3.12 25.80 25.81
C ASN B 118 -2.93 25.90 27.31
N ARG B 119 -3.37 24.88 28.05
CA ARG B 119 -3.17 24.87 29.49
C ARG B 119 -1.70 24.67 29.85
N ASN B 120 -1.04 23.73 29.16
CA ASN B 120 0.39 23.52 29.40
C ASN B 120 1.21 24.74 29.02
N LYS B 121 0.77 25.49 28.02
CA LYS B 121 1.51 26.68 27.59
C LYS B 121 1.44 27.79 28.64
N GLN B 122 0.24 28.05 29.15
CA GLN B 122 0.08 29.12 30.13
C GLN B 122 0.71 28.80 31.47
N VAL B 123 0.90 27.51 31.79
CA VAL B 123 1.54 27.13 33.04
C VAL B 123 3.05 27.35 32.97
N VAL B 124 3.66 26.91 31.86
CA VAL B 124 5.11 27.08 31.72
C VAL B 124 5.48 28.54 31.48
N GLU B 125 4.59 29.31 30.84
CA GLU B 125 4.85 30.73 30.66
C GLU B 125 4.79 31.47 31.99
N ALA B 126 3.83 31.10 32.84
CA ALA B 126 3.76 31.69 34.17
C ALA B 126 4.84 31.13 35.10
N SER B 127 5.32 29.92 34.83
CA SER B 127 6.38 29.33 35.63
C SER B 127 7.71 30.04 35.43
N TYR B 128 7.90 30.71 34.27
CA TYR B 128 9.13 31.45 34.05
C TYR B 128 9.15 32.73 34.87
N THR B 129 7.99 33.32 35.16
CA THR B 129 7.94 34.45 36.07
C THR B 129 8.41 34.08 37.46
N ALA B 130 8.18 32.82 37.87
CA ALA B 130 8.74 32.35 39.13
C ALA B 130 10.23 32.05 39.01
N HIS B 131 10.71 31.73 37.80
CA HIS B 131 12.13 31.51 37.60
C HIS B 131 12.92 32.80 37.74
N LEU B 132 12.31 33.94 37.39
CA LEU B 132 12.96 35.23 37.57
C LEU B 132 13.09 35.62 39.03
N THR B 133 12.43 34.90 39.93
CA THR B 133 12.51 35.15 41.37
C THR B 133 13.19 34.04 42.14
N SER B 134 12.93 32.78 41.80
CA SER B 134 13.49 31.64 42.48
C SER B 134 14.12 30.69 41.46
N PRO B 135 15.18 29.98 41.84
CA PRO B 135 15.84 29.08 40.88
C PRO B 135 15.03 27.83 40.58
N LEU B 136 14.32 27.84 39.46
CA LEU B 136 13.57 26.67 39.00
C LEU B 136 14.50 25.77 38.17
N THR B 137 15.46 25.17 38.87
CA THR B 137 16.50 24.34 38.25
C THR B 137 16.58 23.02 39.01
N ALA B 138 15.70 22.09 38.68
CA ALA B 138 15.72 20.74 39.23
C ALA B 138 16.19 19.77 38.16
N ILE B 139 16.61 18.59 38.60
CA ILE B 139 17.11 17.54 37.71
C ILE B 139 16.41 16.24 38.06
N GLN B 140 15.67 15.68 37.10
CA GLN B 140 15.03 14.38 37.24
C GLN B 140 15.44 13.56 36.00
N ASP B 141 16.66 13.04 36.04
CA ASP B 141 17.21 12.31 34.89
C ASP B 141 16.34 11.10 34.56
N CYS B 142 15.93 11.00 33.30
CA CYS B 142 15.06 9.92 32.86
C CYS B 142 15.74 8.56 32.90
N CYS B 143 17.06 8.51 33.04
CA CYS B 143 17.79 7.26 33.12
C CYS B 143 18.15 6.89 34.55
N THR B 144 17.56 7.57 35.54
CA THR B 144 17.85 7.32 36.95
C THR B 144 16.58 6.94 37.72
N ILE B 145 15.55 6.47 37.04
CA ILE B 145 14.32 6.06 37.71
C ILE B 145 14.03 4.60 37.38
N PRO B 146 14.58 3.65 38.13
CA PRO B 146 14.32 2.25 37.84
C PRO B 146 13.66 1.52 39.00
N PRO B 147 12.50 2.01 39.52
CA PRO B 147 11.83 1.23 40.57
C PRO B 147 10.90 0.18 39.96
N SER B 148 10.27 0.53 38.84
CA SER B 148 9.37 -0.38 38.14
C SER B 148 9.17 0.11 36.71
N MET B 149 7.99 -0.12 36.16
CA MET B 149 7.61 0.27 34.80
C MET B 149 6.17 -0.20 34.60
N MET B 150 5.55 0.29 33.54
CA MET B 150 4.17 -0.08 33.21
C MET B 150 3.95 0.08 31.71
N GLU B 151 2.71 -0.22 31.29
CA GLU B 151 2.30 -0.06 29.90
C GLU B 151 0.86 0.47 29.80
N PHE B 152 0.38 1.15 30.83
CA PHE B 152 -1.05 1.50 30.91
C PHE B 152 -1.38 2.61 29.93
N ASP B 153 -2.33 2.33 29.03
CA ASP B 153 -2.82 3.28 28.03
C ASP B 153 -1.67 3.86 27.21
N GLY B 154 -1.21 3.12 26.20
CA GLY B 154 -0.06 3.60 25.46
C GLY B 154 1.19 3.54 26.32
N ASN B 155 2.24 4.21 25.84
CA ASN B 155 3.53 4.26 26.54
C ASN B 155 4.04 2.87 26.88
N PHE B 156 3.74 1.90 26.03
CA PHE B 156 3.96 0.48 26.36
C PHE B 156 5.40 0.07 26.05
N ASN B 157 6.34 0.74 26.73
CA ASN B 157 7.75 0.37 26.64
C ASN B 157 8.51 0.89 27.86
N THR B 158 8.38 0.18 28.98
CA THR B 158 9.11 0.48 30.22
C THR B 158 8.85 1.92 30.67
N ASN B 159 7.60 2.14 31.11
CA ASN B 159 7.13 3.49 31.45
C ASN B 159 6.51 3.48 32.83
N VAL B 160 7.17 4.12 33.78
CA VAL B 160 6.56 4.46 35.07
C VAL B 160 5.90 5.82 34.87
N SER B 161 5.13 6.27 35.87
CA SER B 161 4.48 7.57 35.77
C SER B 161 3.86 8.00 37.09
N ARG B 162 2.72 8.69 37.00
CA ARG B 162 1.98 9.22 38.15
C ARG B 162 2.76 10.33 38.86
N THR B 163 2.54 11.57 38.41
CA THR B 163 3.10 12.77 39.05
C THR B 163 4.62 12.67 39.20
N VAL B 164 5.29 12.36 38.11
CA VAL B 164 6.76 12.36 38.09
C VAL B 164 7.25 12.49 36.65
N SER B 165 7.50 13.72 36.23
CA SER B 165 8.11 13.94 34.92
C SER B 165 9.59 13.63 34.98
N CYS B 166 10.17 13.39 33.80
CA CYS B 166 11.60 13.12 33.69
C CYS B 166 12.21 14.10 32.70
N ASP B 167 13.52 14.28 32.82
CA ASP B 167 14.25 15.25 32.02
C ASP B 167 15.37 14.55 31.25
N ARG B 168 15.57 14.96 30.00
CA ARG B 168 16.70 14.56 29.19
C ARG B 168 17.50 15.80 28.82
N LEU B 169 18.82 15.71 28.89
CA LEU B 169 19.71 16.86 28.76
C LEU B 169 20.39 16.84 27.41
N SER B 170 20.40 18.00 26.75
CA SER B 170 21.24 18.23 25.59
C SER B 170 22.59 18.78 26.05
N THR B 171 23.59 18.63 25.18
CA THR B 171 24.95 19.07 25.54
C THR B 171 25.07 20.58 25.64
N THR B 172 24.06 21.34 25.17
CA THR B 172 24.13 22.79 25.18
C THR B 172 23.67 23.39 26.52
N VAL B 173 22.91 22.64 27.31
CA VAL B 173 22.34 23.21 28.52
C VAL B 173 23.43 23.59 29.50
N ASN B 174 23.18 24.65 30.27
CA ASN B 174 24.06 25.11 31.33
C ASN B 174 23.45 24.78 32.69
N SER B 175 24.26 24.96 33.73
CA SER B 175 23.83 24.61 35.08
C SER B 175 22.76 25.54 35.63
N ARG B 176 22.48 26.66 34.96
CA ARG B 176 21.46 27.61 35.39
C ARG B 176 20.25 27.61 34.46
N ALA B 177 19.96 26.46 33.85
CA ALA B 177 18.88 26.37 32.89
C ALA B 177 17.52 26.42 33.59
N PHE B 178 16.50 26.78 32.80
CA PHE B 178 15.14 26.89 33.30
C PHE B 178 14.44 25.54 33.18
N ASN B 179 14.07 24.95 34.31
CA ASN B 179 13.44 23.64 34.36
C ASN B 179 12.14 23.75 35.15
N PRO B 180 11.00 23.91 34.48
CA PRO B 180 9.72 24.04 35.19
C PRO B 180 9.06 22.72 35.56
N GLY B 181 9.73 21.59 35.34
CA GLY B 181 9.14 20.28 35.61
C GLY B 181 8.81 20.01 37.06
N ARG B 182 9.34 20.81 37.99
CA ARG B 182 9.06 20.60 39.41
C ARG B 182 7.58 20.81 39.72
N ASP B 183 7.05 21.97 39.34
CA ASP B 183 5.65 22.28 39.57
C ASP B 183 4.75 21.85 38.42
N LEU B 184 5.33 21.56 37.25
CA LEU B 184 4.54 21.15 36.10
C LEU B 184 3.90 19.78 36.29
N ASN B 185 4.38 18.99 37.25
CA ASN B 185 3.79 17.67 37.49
C ASN B 185 2.35 17.77 37.98
N SER B 186 2.00 18.87 38.65
CA SER B 186 0.66 18.98 39.22
C SER B 186 -0.41 19.13 38.15
N VAL B 187 -0.05 19.59 36.95
CA VAL B 187 -1.03 19.84 35.92
C VAL B 187 -0.95 18.76 34.85
N LEU B 188 0.26 18.24 34.62
CA LEU B 188 0.45 17.17 33.65
C LEU B 188 -0.34 15.92 34.03
N ALA B 189 -0.44 15.63 35.33
CA ALA B 189 -1.20 14.47 35.76
C ALA B 189 -2.70 14.68 35.55
N ASP B 190 -3.19 15.89 35.84
CA ASP B 190 -4.61 16.17 35.65
C ASP B 190 -4.98 16.21 34.17
N ASN B 191 -4.02 16.55 33.30
CA ASN B 191 -4.30 16.56 31.86
C ASN B 191 -4.47 15.14 31.33
N LEU B 192 -3.72 14.18 31.88
CA LEU B 192 -3.80 12.80 31.41
C LEU B 192 -5.00 12.07 32.01
N LYS B 193 -5.24 12.26 33.31
CA LYS B 193 -6.35 11.58 33.96
C LYS B 193 -7.71 12.07 33.44
N SER B 194 -7.80 13.35 33.08
CA SER B 194 -9.05 13.91 32.57
C SER B 194 -9.20 13.76 31.07
N ASN B 195 -8.13 13.39 30.36
CA ASN B 195 -8.18 13.20 28.90
C ASN B 195 -7.43 11.94 28.53
N PRO B 196 -8.04 10.77 28.75
CA PRO B 196 -7.40 9.52 28.30
C PRO B 196 -7.42 9.42 26.78
N GLY B 197 -6.36 8.84 26.24
CA GLY B 197 -6.17 8.73 24.80
C GLY B 197 -4.93 9.43 24.29
N ILE B 198 -4.59 10.57 24.91
CA ILE B 198 -3.34 11.25 24.56
C ILE B 198 -2.17 10.45 25.11
N LYS B 199 -1.11 10.33 24.31
CA LYS B 199 0.03 9.51 24.70
C LYS B 199 1.03 10.32 25.51
N TRP B 200 1.81 11.16 24.83
CA TRP B 200 2.84 11.95 25.48
C TRP B 200 2.41 13.40 25.65
N GLN B 201 3.06 14.08 26.60
CA GLN B 201 2.94 15.52 26.76
C GLN B 201 4.26 16.03 27.30
N TYR B 202 4.86 16.98 26.60
CA TYR B 202 6.24 17.37 26.89
C TYR B 202 6.41 18.88 26.78
N PHE B 203 7.52 19.36 27.33
CA PHE B 203 7.99 20.73 27.14
C PHE B 203 9.48 20.67 26.85
N SER B 204 9.87 21.15 25.67
CA SER B 204 11.27 21.20 25.26
C SER B 204 11.71 22.66 25.22
N SER B 205 12.68 22.99 26.07
CA SER B 205 13.13 24.37 26.18
C SER B 205 14.13 24.70 25.06
N GLU B 206 14.26 26.00 24.80
CA GLU B 206 15.24 26.46 23.82
C GLU B 206 16.66 26.19 24.29
N GLU B 207 16.89 26.21 25.61
CA GLU B 207 18.21 25.91 26.15
C GLU B 207 18.65 24.50 25.78
N GLY B 208 17.73 23.53 25.85
CA GLY B 208 18.03 22.20 25.38
C GLY B 208 17.48 21.06 26.22
N ILE B 209 16.79 21.37 27.31
CA ILE B 209 16.23 20.32 28.15
C ILE B 209 14.94 19.81 27.53
N PHE B 210 14.68 18.51 27.68
CA PHE B 210 13.46 17.88 27.18
C PHE B 210 12.80 17.15 28.35
N THR B 211 11.61 17.62 28.72
CA THR B 211 10.87 17.07 29.85
C THR B 211 9.56 16.49 29.36
N VAL B 212 9.32 15.22 29.68
CA VAL B 212 8.09 14.53 29.32
C VAL B 212 7.45 13.99 30.60
N PHE B 213 6.11 14.00 30.64
CA PHE B 213 5.41 13.61 31.87
C PHE B 213 5.53 12.12 32.15
N PRO B 214 5.11 11.20 31.25
CA PRO B 214 5.28 9.78 31.57
C PRO B 214 6.74 9.37 31.50
N ALA B 215 7.40 9.31 32.65
CA ALA B 215 8.82 9.01 32.72
C ALA B 215 9.10 7.59 32.28
N HIS B 216 9.92 7.43 31.25
CA HIS B 216 10.27 6.11 30.75
C HIS B 216 11.77 6.03 30.49
N LYS B 217 12.42 5.03 31.09
CA LYS B 217 13.85 4.82 30.94
C LYS B 217 14.19 4.44 29.50
N PHE B 218 14.46 5.43 28.65
CA PHE B 218 14.66 5.21 27.23
C PHE B 218 15.88 5.95 26.73
N ARG B 219 16.58 5.34 25.78
CA ARG B 219 17.70 5.94 25.04
C ARG B 219 18.68 6.64 25.99
N CYS B 220 19.40 5.80 26.73
CA CYS B 220 20.42 6.26 27.65
C CYS B 220 21.83 6.10 27.11
N LYS B 221 21.98 5.51 25.92
CA LYS B 221 23.26 5.40 25.24
C LYS B 221 23.63 6.66 24.47
N GLY B 222 22.86 7.73 24.62
CA GLY B 222 23.15 8.96 23.93
C GLY B 222 22.29 10.08 24.44
N SER B 223 22.25 11.17 23.66
CA SER B 223 21.46 12.35 24.00
C SER B 223 20.32 12.52 23.01
N TYR B 224 19.14 12.84 23.53
CA TYR B 224 17.95 13.06 22.71
C TYR B 224 17.88 14.54 22.37
N GLU B 225 18.39 14.90 21.19
CA GLU B 225 18.41 16.29 20.74
C GLU B 225 17.07 16.60 20.09
N HIS B 226 16.08 16.94 20.92
CA HIS B 226 14.74 17.17 20.41
C HIS B 226 14.64 18.46 19.62
N ARG B 227 15.54 19.42 19.88
CA ARG B 227 15.47 20.69 19.17
C ARG B 227 15.78 20.56 17.68
N SER B 228 16.35 19.43 17.26
CA SER B 228 16.62 19.17 15.85
C SER B 228 15.55 18.31 15.18
N ARG B 229 14.49 17.95 15.91
CA ARG B 229 13.43 17.15 15.34
C ARG B 229 12.41 18.03 14.62
N PRO B 230 11.71 17.49 13.62
CA PRO B 230 10.82 18.34 12.81
C PRO B 230 9.69 18.99 13.59
N ILE B 231 9.23 18.36 14.68
CA ILE B 231 8.14 18.95 15.46
C ILE B 231 8.59 20.26 16.10
N TYR B 232 9.86 20.33 16.53
CA TYR B 232 10.37 21.55 17.13
C TYR B 232 10.62 22.63 16.07
N VAL B 233 11.10 22.22 14.90
CA VAL B 233 11.44 23.19 13.86
C VAL B 233 10.19 23.82 13.28
N SER B 234 9.16 23.01 13.03
CA SER B 234 7.93 23.53 12.44
C SER B 234 7.17 24.45 13.38
N THR B 235 7.51 24.44 14.67
CA THR B 235 6.85 25.31 15.65
C THR B 235 7.56 26.64 15.80
N VAL B 236 8.86 26.61 16.11
CA VAL B 236 9.61 27.86 16.29
C VAL B 236 9.82 28.57 14.96
N ARG B 237 9.74 27.85 13.84
CA ARG B 237 9.87 28.43 12.50
C ARG B 237 8.76 27.86 11.62
N PRO B 238 7.53 28.33 11.78
CA PRO B 238 6.42 27.85 10.97
C PRO B 238 6.41 28.38 9.54
N GLN B 239 7.48 29.04 9.10
CA GLN B 239 7.54 29.53 7.73
C GLN B 239 7.94 28.42 6.77
N SER B 240 7.45 28.50 5.54
CA SER B 240 7.84 27.56 4.50
C SER B 240 9.28 27.82 4.10
N LYS B 241 10.18 26.91 4.46
CA LYS B 241 11.61 27.09 4.24
C LYS B 241 12.02 26.35 2.98
N HIS B 242 12.51 27.10 1.99
CA HIS B 242 13.01 26.54 0.74
C HIS B 242 14.52 26.41 0.86
N ILE B 243 14.97 25.27 1.36
CA ILE B 243 16.38 25.01 1.63
C ILE B 243 16.98 24.22 0.48
N VAL B 244 18.24 24.47 0.19
CA VAL B 244 19.01 23.69 -0.78
C VAL B 244 20.41 23.47 -0.22
N VAL B 245 20.78 22.21 -0.02
CA VAL B 245 22.06 21.86 0.58
C VAL B 245 23.03 21.53 -0.54
N ILE B 246 24.16 22.24 -0.56
CA ILE B 246 25.23 22.01 -1.54
C ILE B 246 26.36 21.28 -0.82
N LEU B 247 26.75 20.13 -1.36
CA LEU B 247 27.72 19.24 -0.72
C LEU B 247 28.98 19.16 -1.58
N ASP B 248 30.00 19.94 -1.24
CA ASP B 248 31.26 19.90 -1.97
C ASP B 248 32.03 18.63 -1.60
N HIS B 249 32.27 17.77 -2.59
CA HIS B 249 33.07 16.57 -2.40
C HIS B 249 34.19 16.48 -3.41
N GLY B 250 34.77 17.62 -3.78
CA GLY B 250 35.90 17.69 -4.67
C GLY B 250 37.17 18.13 -3.97
N ALA B 251 38.13 18.57 -4.77
CA ALA B 251 39.44 19.04 -4.28
C ALA B 251 40.13 17.99 -3.41
N SER B 252 39.92 16.71 -3.75
CA SER B 252 40.51 15.59 -3.00
C SER B 252 40.14 15.66 -1.52
N VAL B 253 38.85 15.79 -1.25
CA VAL B 253 38.36 15.82 0.13
C VAL B 253 38.62 14.46 0.77
N THR B 254 39.25 14.47 1.94
CA THR B 254 39.53 13.22 2.64
C THR B 254 38.23 12.59 3.12
N ASP B 255 38.14 11.27 2.96
CA ASP B 255 36.96 10.53 3.39
C ASP B 255 36.72 10.65 4.89
N THR B 256 37.75 11.02 5.66
CA THR B 256 37.58 11.15 7.10
C THR B 256 36.71 12.33 7.48
N GLN B 257 36.71 13.40 6.67
CA GLN B 257 35.89 14.57 6.96
C GLN B 257 34.68 14.70 6.05
N LEU B 258 34.65 14.00 4.91
CA LEU B 258 33.40 13.86 4.18
C LEU B 258 32.37 13.11 5.00
N GLN B 259 32.82 12.29 5.95
CA GLN B 259 31.92 11.66 6.91
C GLN B 259 31.02 12.70 7.58
N ILE B 260 31.61 13.77 8.10
CA ILE B 260 30.82 14.82 8.74
C ILE B 260 29.93 15.51 7.71
N ALA B 261 30.43 15.66 6.49
CA ALA B 261 29.68 16.38 5.45
C ALA B 261 28.38 15.65 5.10
N LYS B 262 28.46 14.34 4.89
CA LYS B 262 27.26 13.58 4.55
C LYS B 262 26.36 13.34 5.76
N ASP B 263 26.95 13.24 6.95
CA ASP B 263 26.14 13.06 8.15
C ASP B 263 25.33 14.33 8.46
N ALA B 264 25.91 15.50 8.20
CA ALA B 264 25.19 16.74 8.42
C ALA B 264 24.00 16.87 7.49
N ALA B 265 24.16 16.46 6.22
CA ALA B 265 23.07 16.55 5.26
C ALA B 265 21.89 15.68 5.69
N GLN B 266 22.14 14.59 6.39
CA GLN B 266 21.04 13.77 6.90
C GLN B 266 20.30 14.48 8.04
N VAL B 267 20.97 15.38 8.74
CA VAL B 267 20.33 16.10 9.84
C VAL B 267 19.36 17.15 9.30
N ILE B 268 19.71 17.78 8.17
CA ILE B 268 18.80 18.75 7.56
C ILE B 268 17.54 18.06 7.05
N LEU B 269 17.72 16.94 6.33
CA LEU B 269 16.57 16.24 5.75
C LEU B 269 15.63 15.73 6.84
N SER B 270 16.18 15.24 7.95
CA SER B 270 15.38 14.69 9.04
C SER B 270 14.94 15.76 10.03
N ALA B 271 14.67 16.99 9.55
CA ALA B 271 14.33 18.08 10.45
C ALA B 271 13.33 19.06 9.85
N ILE B 272 12.81 18.81 8.65
CA ILE B 272 11.88 19.73 8.01
C ILE B 272 10.59 18.99 7.71
N ASP B 273 9.55 19.78 7.43
CA ASP B 273 8.20 19.27 7.24
C ASP B 273 7.81 19.33 5.76
N GLU B 274 6.60 18.85 5.48
CA GLU B 274 6.11 18.76 4.11
C GLU B 274 5.83 20.13 3.49
N HIS B 275 5.67 21.16 4.31
CA HIS B 275 5.50 22.51 3.77
C HIS B 275 6.83 23.18 3.43
N ASP B 276 7.95 22.58 3.80
CA ASP B 276 9.26 23.03 3.39
C ASP B 276 9.69 22.32 2.11
N LYS B 277 10.58 22.97 1.36
CA LYS B 277 11.08 22.43 0.10
C LYS B 277 12.59 22.27 0.18
N ILE B 278 13.10 21.23 -0.48
CA ILE B 278 14.48 20.81 -0.31
C ILE B 278 15.07 20.41 -1.66
N SER B 279 16.36 20.68 -1.82
CA SER B 279 17.15 20.19 -2.94
C SER B 279 18.56 19.93 -2.44
N VAL B 280 19.17 18.84 -2.92
CA VAL B 280 20.52 18.47 -2.53
C VAL B 280 21.38 18.38 -3.79
N LEU B 281 22.50 19.10 -3.79
CA LEU B 281 23.40 19.16 -4.92
C LEU B 281 24.77 18.63 -4.53
N THR B 282 25.54 18.22 -5.55
CA THR B 282 26.82 17.57 -5.31
C THR B 282 27.99 18.55 -5.33
N VAL B 283 29.15 18.08 -5.78
CA VAL B 283 30.37 18.88 -5.71
C VAL B 283 30.26 20.14 -6.56
N ALA B 284 29.48 20.09 -7.64
CA ALA B 284 29.30 21.10 -8.68
C ALA B 284 30.44 21.08 -9.69
N ASP B 285 31.43 20.20 -9.54
CA ASP B 285 32.30 19.87 -10.68
C ASP B 285 31.43 19.45 -11.86
N ALA B 286 30.42 18.64 -11.61
CA ALA B 286 29.26 18.48 -12.47
C ALA B 286 28.03 18.58 -11.58
N VAL B 287 27.15 19.53 -11.88
CA VAL B 287 26.00 19.79 -11.02
C VAL B 287 25.03 18.61 -11.08
N ARG B 288 25.33 17.56 -10.31
CA ARG B 288 24.49 16.37 -10.25
C ARG B 288 23.41 16.58 -9.20
N THR B 289 22.15 16.63 -9.62
CA THR B 289 21.03 16.66 -8.70
C THR B 289 20.61 15.23 -8.38
N CYS B 290 19.53 15.11 -7.61
CA CYS B 290 18.98 13.79 -7.31
C CYS B 290 18.32 13.22 -8.56
N SER B 291 18.67 11.98 -8.90
CA SER B 291 18.19 11.33 -10.11
C SER B 291 16.94 10.51 -9.91
N LEU B 292 16.35 10.54 -8.71
CA LEU B 292 15.17 9.73 -8.42
C LEU B 292 13.87 10.37 -8.90
N ASP B 293 13.94 11.51 -9.59
CA ASP B 293 12.75 12.15 -10.14
C ASP B 293 13.18 13.10 -11.24
N GLN B 294 12.28 13.30 -12.21
CA GLN B 294 12.56 14.22 -13.31
C GLN B 294 12.54 15.66 -12.83
N CYS B 295 11.61 16.00 -11.94
CA CYS B 295 11.46 17.37 -11.48
C CYS B 295 12.54 17.81 -10.51
N TYR B 296 13.38 16.89 -10.03
CA TYR B 296 14.48 17.28 -9.14
C TYR B 296 15.57 18.02 -9.89
N LYS B 297 15.58 17.96 -11.22
CA LYS B 297 16.54 18.70 -12.03
C LYS B 297 16.12 20.15 -12.27
N THR B 298 14.92 20.54 -11.85
CA THR B 298 14.38 21.86 -12.16
C THR B 298 13.83 22.58 -10.95
N TYR B 299 13.16 21.88 -10.04
CA TYR B 299 12.47 22.49 -8.92
C TYR B 299 13.02 21.97 -7.59
N LEU B 300 12.56 22.59 -6.51
CA LEU B 300 12.76 22.09 -5.17
C LEU B 300 11.53 21.31 -4.74
N SER B 301 11.74 20.17 -4.13
CA SER B 301 10.55 19.37 -3.84
C SER B 301 10.14 19.52 -2.38
N PRO B 302 8.83 19.48 -2.11
CA PRO B 302 8.38 19.46 -0.71
C PRO B 302 9.01 18.31 0.05
N ALA B 303 9.40 18.59 1.30
CA ALA B 303 10.11 17.61 2.10
C ALA B 303 9.18 16.51 2.61
N THR B 304 8.52 15.81 1.69
CA THR B 304 7.74 14.64 2.06
C THR B 304 8.68 13.48 2.40
N SER B 305 8.11 12.46 3.04
CA SER B 305 8.90 11.27 3.37
C SER B 305 9.44 10.61 2.10
N GLU B 306 8.74 10.76 0.98
CA GLU B 306 9.24 10.25 -0.29
C GLU B 306 10.49 11.00 -0.73
N THR B 307 10.43 12.33 -0.71
CA THR B 307 11.59 13.13 -1.10
C THR B 307 12.73 12.97 -0.10
N LYS B 308 12.41 12.86 1.19
CA LYS B 308 13.44 12.66 2.21
C LYS B 308 14.21 11.37 1.95
N ARG B 309 13.49 10.26 1.77
CA ARG B 309 14.15 8.97 1.53
C ARG B 309 14.93 8.99 0.22
N LYS B 310 14.43 9.69 -0.80
CA LYS B 310 15.15 9.76 -2.07
C LYS B 310 16.41 10.62 -1.93
N MET B 311 16.32 11.74 -1.23
CA MET B 311 17.48 12.61 -1.07
C MET B 311 18.50 12.00 -0.10
N SER B 312 18.03 11.31 0.94
CA SER B 312 18.93 10.77 1.94
C SER B 312 19.82 9.67 1.34
N THR B 313 19.23 8.77 0.54
CA THR B 313 20.05 7.76 -0.13
C THR B 313 20.98 8.37 -1.15
N PHE B 314 20.55 9.46 -1.81
CA PHE B 314 21.43 10.16 -2.73
C PHE B 314 22.59 10.85 -2.01
N VAL B 315 22.43 11.14 -0.72
CA VAL B 315 23.53 11.73 0.04
C VAL B 315 24.60 10.69 0.34
N SER B 316 24.18 9.48 0.75
CA SER B 316 25.13 8.43 1.11
C SER B 316 25.88 7.88 -0.09
N SER B 317 25.45 8.17 -1.31
CA SER B 317 26.12 7.70 -2.52
C SER B 317 27.27 8.60 -2.94
N VAL B 318 27.62 9.60 -2.13
CA VAL B 318 28.66 10.56 -2.47
C VAL B 318 30.00 10.03 -1.99
N LYS B 319 30.98 10.04 -2.88
CA LYS B 319 32.35 9.65 -2.60
C LYS B 319 33.28 10.75 -3.09
N PRO B 320 34.50 10.83 -2.56
CA PRO B 320 35.39 11.94 -2.91
C PRO B 320 35.71 11.99 -4.39
N SER B 321 36.19 13.17 -4.81
CA SER B 321 36.61 13.40 -6.18
C SER B 321 37.82 14.33 -6.16
N ASP B 322 38.77 14.10 -7.07
CA ASP B 322 40.00 14.87 -7.11
C ASP B 322 39.90 16.11 -8.00
N SER B 323 38.77 16.33 -8.65
CA SER B 323 38.62 17.51 -9.49
C SER B 323 38.43 18.75 -8.61
N PRO B 324 39.04 19.88 -8.98
CA PRO B 324 38.83 21.11 -8.21
C PRO B 324 37.37 21.52 -8.21
N THR B 325 36.90 21.95 -7.05
CA THR B 325 35.47 22.26 -6.89
C THR B 325 35.12 23.50 -7.70
N GLN B 326 34.06 23.39 -8.51
CA GLN B 326 33.54 24.51 -9.28
C GLN B 326 32.37 25.11 -8.50
N HIS B 327 32.71 25.94 -7.50
CA HIS B 327 31.70 26.46 -6.59
C HIS B 327 30.71 27.36 -7.31
N ALA B 328 31.19 28.14 -8.28
CA ALA B 328 30.33 29.12 -8.95
C ALA B 328 29.15 28.43 -9.64
N VAL B 329 29.36 27.24 -10.18
CA VAL B 329 28.28 26.54 -10.87
C VAL B 329 27.27 25.99 -9.86
N GLY B 330 27.73 25.60 -8.67
CA GLY B 330 26.83 25.05 -7.69
C GLY B 330 25.89 26.09 -7.11
N PHE B 331 26.44 27.25 -6.74
CA PHE B 331 25.59 28.33 -6.25
C PHE B 331 24.67 28.84 -7.35
N HIS B 332 25.18 28.93 -8.58
CA HIS B 332 24.33 29.33 -9.70
C HIS B 332 23.15 28.38 -9.87
N ARG B 333 23.43 27.07 -9.84
CA ARG B 333 22.36 26.08 -9.98
C ARG B 333 21.32 26.23 -8.88
N ALA B 334 21.78 26.41 -7.63
CA ALA B 334 20.86 26.58 -6.52
C ALA B 334 19.95 27.77 -6.73
N PHE B 335 20.49 28.87 -7.28
CA PHE B 335 19.65 30.02 -7.59
C PHE B 335 18.65 29.70 -8.70
N GLN B 336 19.11 29.06 -9.78
CA GLN B 336 18.22 28.68 -10.86
C GLN B 336 17.07 27.82 -10.35
N LEU B 337 17.36 26.93 -9.41
CA LEU B 337 16.31 26.14 -8.77
C LEU B 337 15.37 27.04 -7.98
N ILE B 338 15.92 27.87 -7.08
CA ILE B 338 15.11 28.75 -6.25
C ILE B 338 14.30 29.70 -7.12
N ARG B 339 14.90 30.20 -8.20
CA ARG B 339 14.18 31.09 -9.11
C ARG B 339 12.99 30.38 -9.75
N SER B 340 13.23 29.24 -10.39
CA SER B 340 12.18 28.44 -11.00
C SER B 340 11.59 27.52 -9.93
N THR B 341 10.70 28.09 -9.10
CA THR B 341 9.98 27.31 -8.10
C THR B 341 8.66 27.99 -7.75
N SER B 342 8.03 28.64 -8.74
CA SER B 342 6.86 29.49 -8.55
C SER B 342 7.20 30.70 -7.67
N ASN B 343 6.36 31.73 -7.69
CA ASN B 343 6.58 32.89 -6.82
C ASN B 343 6.52 32.44 -5.36
N SER B 344 7.69 32.35 -4.72
CA SER B 344 7.79 31.78 -3.38
C SER B 344 7.12 30.41 -3.34
N THR B 345 6.06 30.28 -2.54
CA THR B 345 5.19 29.12 -2.57
C THR B 345 3.76 29.45 -2.98
N ARG B 346 3.49 30.71 -3.34
CA ARG B 346 2.12 31.20 -3.55
C ARG B 346 1.24 30.86 -2.35
N PHE B 347 1.82 30.97 -1.16
CA PHE B 347 1.18 30.44 0.05
C PHE B 347 1.57 31.36 1.21
N GLN B 348 0.64 32.24 1.60
CA GLN B 348 0.73 33.16 2.73
C GLN B 348 2.14 33.68 2.99
N ALA B 349 2.87 34.01 1.92
CA ALA B 349 4.27 34.42 2.02
C ALA B 349 5.06 33.42 2.87
N ASN B 350 5.59 33.90 4.01
CA ASN B 350 6.32 33.07 4.97
C ASN B 350 7.28 32.12 4.28
N THR B 351 7.95 32.60 3.23
CA THR B 351 8.82 31.78 2.39
C THR B 351 10.24 32.31 2.53
N ASP B 352 11.04 31.65 3.37
CA ASP B 352 12.42 32.06 3.63
C ASP B 352 13.35 31.09 2.91
N MET B 353 14.08 31.60 1.92
CA MET B 353 15.01 30.78 1.15
C MET B 353 16.39 30.78 1.81
N VAL B 354 17.01 29.61 1.88
CA VAL B 354 18.31 29.44 2.52
C VAL B 354 19.11 28.42 1.71
N ILE B 355 20.40 28.70 1.55
CA ILE B 355 21.33 27.81 0.84
C ILE B 355 22.43 27.42 1.82
N ILE B 356 22.45 26.14 2.20
CA ILE B 356 23.49 25.61 3.08
C ILE B 356 24.63 25.06 2.21
N TYR B 357 25.86 25.23 2.67
CA TYR B 357 27.04 24.80 1.93
C TYR B 357 28.02 24.12 2.88
N LEU B 358 28.52 22.96 2.48
CA LEU B 358 29.47 22.17 3.27
C LEU B 358 30.72 21.92 2.44
N SER B 359 31.84 22.47 2.89
CA SER B 359 33.09 22.35 2.14
C SER B 359 34.26 22.53 3.10
N ALA B 360 35.44 22.83 2.55
CA ALA B 360 36.64 23.02 3.33
C ALA B 360 37.68 23.81 2.53
N GLY B 361 38.94 23.39 2.61
CA GLY B 361 40.02 24.09 1.94
C GLY B 361 40.21 23.70 0.49
N ILE B 362 39.54 24.39 -0.41
CA ILE B 362 39.68 24.12 -1.85
C ILE B 362 40.82 24.93 -2.45
N THR B 363 40.81 26.24 -2.22
CA THR B 363 41.83 27.17 -2.72
C THR B 363 42.00 27.06 -4.23
N SER B 364 42.97 26.25 -4.66
CA SER B 364 43.44 26.01 -6.03
C SER B 364 44.60 26.94 -6.37
N LYS B 365 45.17 27.59 -5.34
CA LYS B 365 46.41 28.36 -5.47
C LYS B 365 46.34 29.42 -6.56
N ASP B 366 46.77 29.03 -7.77
CA ASP B 366 46.94 29.97 -8.88
C ASP B 366 45.65 30.72 -9.17
N SER B 367 44.54 29.99 -9.25
CA SER B 367 43.24 30.58 -9.53
C SER B 367 42.35 30.61 -8.29
N SER B 368 42.94 30.49 -7.10
CA SER B 368 42.18 30.55 -5.86
C SER B 368 41.31 31.80 -5.79
N GLU B 369 41.93 32.97 -5.96
CA GLU B 369 41.17 34.22 -5.95
C GLU B 369 40.14 34.25 -7.08
N GLU B 370 40.51 33.74 -8.26
CA GLU B 370 39.54 33.66 -9.36
C GLU B 370 38.36 32.78 -8.98
N ASP B 371 38.62 31.64 -8.33
CA ASP B 371 37.53 30.80 -7.85
C ASP B 371 36.68 31.55 -6.83
N LYS B 372 37.31 32.29 -5.93
CA LYS B 372 36.55 33.09 -4.97
C LYS B 372 35.83 34.24 -5.65
N LYS B 373 36.38 34.76 -6.75
CA LYS B 373 35.77 35.89 -7.45
C LYS B 373 34.55 35.45 -8.25
N ALA B 374 34.59 34.25 -8.84
CA ALA B 374 33.50 33.80 -9.69
C ALA B 374 32.24 33.49 -8.88
N THR B 375 32.41 32.97 -7.66
CA THR B 375 31.25 32.62 -6.84
C THR B 375 30.52 33.87 -6.36
N LEU B 376 31.24 34.77 -5.68
CA LEU B 376 30.62 35.97 -5.14
C LEU B 376 30.08 36.89 -6.22
N ARG B 377 30.54 36.73 -7.48
CA ARG B 377 29.95 37.49 -8.57
C ARG B 377 28.61 36.91 -8.99
N VAL B 378 28.58 35.60 -9.29
CA VAL B 378 27.34 34.97 -9.73
C VAL B 378 26.31 34.98 -8.60
N ILE B 379 26.76 35.01 -7.34
CA ILE B 379 25.84 35.17 -6.23
C ILE B 379 25.20 36.55 -6.27
N ASN B 380 26.02 37.60 -6.41
CA ASN B 380 25.49 38.96 -6.45
C ASN B 380 24.63 39.19 -7.69
N GLU B 381 24.89 38.46 -8.78
CA GLU B 381 24.07 38.61 -9.97
C GLU B 381 22.74 37.87 -9.84
N GLU B 382 22.78 36.61 -9.42
CA GLU B 382 21.55 35.82 -9.33
C GLU B 382 20.69 36.27 -8.16
N ASN B 383 21.30 36.50 -6.99
CA ASN B 383 20.56 37.09 -5.88
C ASN B 383 20.17 38.53 -6.18
N GLY B 384 20.67 39.12 -7.26
CA GLY B 384 20.24 40.41 -7.73
C GLY B 384 19.01 40.31 -8.61
N PHE B 385 18.85 39.18 -9.30
CA PHE B 385 17.58 38.91 -9.98
C PHE B 385 16.45 38.78 -8.98
N LEU B 386 16.65 37.96 -7.95
CA LEU B 386 15.81 38.07 -6.76
C LEU B 386 16.09 39.39 -6.07
N ASN B 387 15.28 39.70 -5.06
CA ASN B 387 15.48 40.93 -4.30
C ASN B 387 16.30 40.65 -3.04
N ASN B 388 17.47 40.02 -3.26
CA ASN B 388 18.36 39.59 -2.17
C ASN B 388 17.60 38.78 -1.13
N SER B 389 16.69 37.93 -1.60
CA SER B 389 15.83 37.13 -0.74
C SER B 389 16.50 35.85 -0.26
N VAL B 390 17.66 35.50 -0.80
CA VAL B 390 18.31 34.22 -0.52
C VAL B 390 19.38 34.44 0.55
N MET B 391 19.33 33.62 1.60
CA MET B 391 20.32 33.61 2.66
C MET B 391 21.26 32.43 2.46
N ILE B 392 22.53 32.63 2.81
CA ILE B 392 23.57 31.62 2.61
C ILE B 392 24.17 31.24 3.95
N LEU B 393 24.19 29.94 4.23
CA LEU B 393 24.84 29.38 5.41
C LEU B 393 25.97 28.46 4.97
N THR B 394 27.09 28.53 5.68
CA THR B 394 28.26 27.73 5.35
C THR B 394 28.74 26.96 6.58
N TYR B 395 29.29 25.78 6.33
CA TYR B 395 29.81 24.92 7.38
C TYR B 395 31.17 24.37 6.96
N ALA B 396 32.11 24.35 7.90
CA ALA B 396 33.48 23.95 7.62
C ALA B 396 33.74 22.53 8.09
N LEU B 397 34.45 21.76 7.26
CA LEU B 397 34.85 20.39 7.57
C LEU B 397 36.34 20.40 7.85
N MET B 398 36.73 19.95 9.04
CA MET B 398 38.11 20.11 9.49
C MET B 398 38.64 18.84 10.13
N ASN B 399 39.87 18.49 9.77
CA ASN B 399 40.74 17.68 10.58
C ASN B 399 41.92 18.54 11.01
N ASP B 400 42.90 17.94 11.69
CA ASP B 400 44.04 18.69 12.18
C ASP B 400 45.11 18.82 11.09
N GLY B 401 44.76 19.52 10.02
CA GLY B 401 45.71 19.76 8.96
C GLY B 401 45.16 20.28 7.64
N VAL B 402 44.11 19.63 7.11
CA VAL B 402 43.64 19.93 5.77
C VAL B 402 43.11 21.36 5.69
N THR B 403 42.12 21.69 6.52
CA THR B 403 41.53 23.02 6.48
C THR B 403 42.45 24.08 7.06
N GLY B 404 43.36 23.70 7.97
CA GLY B 404 44.34 24.65 8.47
C GLY B 404 43.69 25.79 9.24
N LEU B 405 44.06 27.02 8.88
CA LEU B 405 43.56 28.21 9.56
C LEU B 405 43.12 29.32 8.63
N LYS B 406 43.52 29.31 7.36
CA LYS B 406 43.17 30.38 6.43
C LYS B 406 41.99 30.05 5.52
N GLU B 407 41.58 28.78 5.46
CA GLU B 407 40.50 28.38 4.57
C GLU B 407 39.13 28.76 5.10
N LEU B 408 39.00 29.04 6.40
CA LEU B 408 37.73 29.46 6.96
C LEU B 408 37.32 30.85 6.50
N ALA B 409 38.28 31.67 6.06
CA ALA B 409 37.96 33.02 5.61
C ALA B 409 37.14 33.00 4.33
N PHE B 410 37.32 31.99 3.48
CA PHE B 410 36.53 31.91 2.26
C PHE B 410 35.09 31.50 2.55
N LEU B 411 34.87 30.73 3.62
CA LEU B 411 33.51 30.31 3.95
C LEU B 411 32.72 31.41 4.65
N ARG B 412 33.39 32.26 5.44
CA ARG B 412 32.69 33.39 6.04
C ARG B 412 32.41 34.48 5.00
N ASP B 413 33.27 34.59 3.98
CA ASP B 413 32.98 35.50 2.89
C ASP B 413 31.74 35.07 2.11
N LEU B 414 31.46 33.77 2.09
CA LEU B 414 30.27 33.26 1.42
C LEU B 414 29.03 33.49 2.27
N ALA B 415 29.12 33.27 3.58
CA ALA B 415 27.96 33.49 4.45
C ALA B 415 27.60 34.97 4.49
N GLU B 416 28.59 35.85 4.56
CA GLU B 416 28.36 37.29 4.55
C GLU B 416 28.11 37.83 3.15
N GLN B 417 28.27 37.01 2.11
CA GLN B 417 28.14 37.45 0.72
C GLN B 417 29.04 38.65 0.45
N ASN B 418 30.29 38.55 0.91
CA ASN B 418 31.27 39.62 0.83
C ASN B 418 31.80 39.72 -0.60
N SER B 419 30.94 40.25 -1.48
CA SER B 419 31.31 40.38 -2.89
C SER B 419 32.18 41.60 -3.13
N GLY B 420 31.94 42.70 -2.41
CA GLY B 420 32.73 43.90 -2.58
C GLY B 420 34.20 43.73 -2.28
N LYS B 421 34.54 42.71 -1.49
CA LYS B 421 35.95 42.41 -1.21
C LYS B 421 36.72 42.09 -2.49
N TYR B 422 36.02 41.60 -3.52
CA TYR B 422 36.64 41.23 -4.78
C TYR B 422 36.27 42.17 -5.93
N GLY B 423 35.63 43.29 -5.63
CA GLY B 423 35.38 44.30 -6.64
C GLY B 423 33.96 44.37 -7.16
N ILE B 424 33.34 43.21 -7.35
CA ILE B 424 31.99 43.11 -7.92
C ILE B 424 31.03 44.00 -7.13
N PRO B 425 30.39 44.96 -7.78
CA PRO B 425 29.55 45.92 -7.04
C PRO B 425 28.13 45.43 -6.84
N ASP B 426 27.61 45.60 -5.63
CA ASP B 426 26.24 45.20 -5.31
C ASP B 426 25.29 46.12 -6.07
N ARG B 427 24.74 45.62 -7.18
CA ARG B 427 23.85 46.43 -8.01
C ARG B 427 22.51 46.67 -7.35
N THR B 428 22.10 45.83 -6.40
CA THR B 428 20.79 45.93 -5.78
C THR B 428 20.85 46.91 -4.62
N ALA B 429 19.96 47.90 -4.63
CA ALA B 429 19.87 48.85 -3.53
C ALA B 429 19.42 48.19 -2.23
N LEU B 430 18.98 46.94 -2.28
CA LEU B 430 18.61 46.19 -1.10
C LEU B 430 19.85 45.72 -0.35
N PRO B 431 19.74 45.47 0.96
CA PRO B 431 20.86 44.87 1.69
C PRO B 431 20.97 43.39 1.41
N VAL B 432 21.81 42.69 2.17
CA VAL B 432 21.99 41.24 2.04
C VAL B 432 21.72 40.59 3.39
N ILE B 433 21.08 39.42 3.36
CA ILE B 433 20.78 38.67 4.57
C ILE B 433 22.06 37.96 4.98
N LYS B 434 22.82 38.56 5.90
CA LYS B 434 24.08 37.98 6.34
C LYS B 434 23.84 36.65 7.01
N GLY B 435 24.58 35.62 6.57
CA GLY B 435 24.40 34.28 7.08
C GLY B 435 25.16 33.99 8.35
N SER B 436 25.87 32.86 8.38
CA SER B 436 26.65 32.43 9.53
C SER B 436 27.55 31.28 9.09
N MET B 437 28.56 31.01 9.90
CA MET B 437 29.50 29.93 9.61
C MET B 437 29.82 29.17 10.90
N MET B 438 29.94 27.85 10.77
CA MET B 438 30.29 26.98 11.89
C MET B 438 31.33 25.98 11.42
N VAL B 439 32.19 25.57 12.35
CA VAL B 439 33.24 24.59 12.08
C VAL B 439 32.83 23.25 12.69
N LEU B 440 33.19 22.17 11.99
CA LEU B 440 32.82 20.83 12.41
C LEU B 440 34.05 19.93 12.42
N ASN B 441 34.11 19.05 13.43
CA ASN B 441 35.16 18.06 13.52
C ASN B 441 34.56 16.70 13.85
N GLN B 442 35.41 15.70 14.10
CA GLN B 442 34.93 14.37 14.43
C GLN B 442 34.32 14.29 15.82
N LEU B 443 34.43 15.35 16.62
CA LEU B 443 33.83 15.42 17.95
C LEU B 443 32.59 16.30 17.98
N SER B 444 32.11 16.75 16.82
CA SER B 444 31.02 17.71 16.77
C SER B 444 29.67 17.03 16.91
N ASN B 445 28.78 17.65 17.67
CA ASN B 445 27.39 17.21 17.79
C ASN B 445 26.62 17.83 16.62
N LEU B 446 26.37 17.03 15.58
CA LEU B 446 25.72 17.53 14.39
C LEU B 446 24.30 18.02 14.65
N GLU B 447 23.65 17.54 15.71
CA GLU B 447 22.28 17.96 16.00
C GLU B 447 22.23 19.33 16.66
N THR B 448 23.17 19.62 17.55
CA THR B 448 23.23 20.91 18.23
C THR B 448 23.96 21.97 17.43
N THR B 449 24.60 21.61 16.31
CA THR B 449 25.31 22.57 15.49
C THR B 449 24.59 22.79 14.17
N VAL B 450 24.70 21.84 13.25
CA VAL B 450 24.06 21.98 11.95
C VAL B 450 22.55 21.82 12.08
N GLY B 451 22.09 21.08 13.09
CA GLY B 451 20.66 20.92 13.31
C GLY B 451 19.97 22.18 13.76
N ARG B 452 20.73 23.16 14.28
CA ARG B 452 20.18 24.45 14.69
C ARG B 452 20.30 25.51 13.61
N PHE B 453 20.30 25.09 12.34
CA PHE B 453 20.40 26.05 11.25
C PHE B 453 19.18 26.96 11.18
N TYR B 454 18.04 26.49 11.67
CA TYR B 454 16.81 27.28 11.61
C TYR B 454 16.86 28.50 12.51
N THR B 455 17.77 28.52 13.50
CA THR B 455 17.87 29.67 14.39
C THR B 455 18.29 30.92 13.63
N ASN B 456 19.05 30.76 12.55
CA ASN B 456 19.51 31.88 11.74
C ASN B 456 18.40 32.46 10.86
N LEU B 457 17.19 31.89 10.89
CA LEU B 457 16.04 32.35 10.14
C LEU B 457 15.29 33.44 10.91
N PRO B 458 14.60 34.33 10.20
CA PRO B 458 13.80 35.35 10.90
C PRO B 458 12.69 34.71 11.72
N ASN B 459 12.60 35.12 12.98
CA ASN B 459 11.56 34.67 13.89
C ASN B 459 10.48 35.75 13.91
N ARG B 460 9.44 35.55 13.09
CA ARG B 460 8.35 36.52 13.00
C ARG B 460 7.40 36.46 14.18
N MET B 461 7.75 35.73 15.24
CA MET B 461 7.00 35.68 16.48
C MET B 461 5.55 35.22 16.25
N ILE B 462 5.39 34.16 15.47
CA ILE B 462 4.08 33.60 15.21
C ILE B 462 3.66 32.76 16.41
N ASP B 463 2.53 33.11 17.02
CA ASP B 463 2.01 32.39 18.19
C ASP B 463 0.72 31.70 17.75
N GLU B 464 0.87 30.51 17.15
CA GLU B 464 -0.26 29.79 16.60
C GLU B 464 -0.04 28.30 16.78
N ALA B 465 -1.16 27.57 16.88
CA ALA B 465 -1.10 26.12 16.99
C ALA B 465 -0.88 25.50 15.61
N VAL B 466 -0.01 24.49 15.55
CA VAL B 466 0.29 23.78 14.32
C VAL B 466 0.07 22.29 14.55
N PHE B 467 -0.52 21.63 13.56
CA PHE B 467 -0.89 20.22 13.65
C PHE B 467 -0.03 19.41 12.69
N SER B 468 0.57 18.35 13.20
CA SER B 468 1.48 17.52 12.41
C SER B 468 0.72 16.43 11.68
N LEU B 469 1.25 16.01 10.53
CA LEU B 469 0.74 14.86 9.83
C LEU B 469 1.16 13.59 10.56
N PRO B 470 0.46 12.47 10.31
CA PRO B 470 0.81 11.23 11.00
C PRO B 470 2.26 10.82 10.74
N PHE B 471 2.97 10.52 11.83
CA PHE B 471 4.37 10.11 11.75
C PHE B 471 4.65 9.09 12.84
N SER B 472 5.85 8.53 12.80
CA SER B 472 6.24 7.47 13.73
C SER B 472 6.78 8.05 15.03
N ASP B 473 6.34 7.48 16.15
CA ASP B 473 6.78 7.94 17.45
C ASP B 473 8.22 7.52 17.72
N GLU B 474 9.05 8.48 18.11
CA GLU B 474 10.44 8.17 18.45
C GLU B 474 10.60 7.70 19.88
N MET B 475 9.65 8.00 20.75
CA MET B 475 9.69 7.53 22.14
C MET B 475 8.91 6.24 22.32
N GLY B 476 7.74 6.13 21.71
CA GLY B 476 6.90 4.95 21.82
C GLY B 476 7.16 3.95 20.72
N ASP B 477 6.12 3.17 20.42
CA ASP B 477 6.22 2.09 19.43
C ASP B 477 5.00 2.10 18.52
N GLY B 478 4.66 3.26 17.98
CA GLY B 478 3.52 3.34 17.09
C GLY B 478 3.48 4.66 16.35
N LEU B 479 2.38 4.87 15.63
CA LEU B 479 2.13 6.11 14.92
C LEU B 479 1.38 7.09 15.82
N ILE B 480 1.73 8.38 15.71
CA ILE B 480 1.15 9.42 16.55
C ILE B 480 0.89 10.66 15.72
N MET B 481 0.09 11.56 16.27
CA MET B 481 -0.14 12.90 15.73
C MET B 481 0.09 13.90 16.86
N THR B 482 0.66 15.05 16.52
CA THR B 482 1.11 16.01 17.52
C THR B 482 0.56 17.40 17.21
N VAL B 483 -0.08 18.01 18.20
CA VAL B 483 -0.35 19.44 18.19
C VAL B 483 0.68 20.10 19.09
N SER B 484 1.08 21.31 18.74
CA SER B 484 2.14 21.99 19.47
C SER B 484 2.00 23.49 19.33
N LYS B 485 2.57 24.20 20.29
CA LYS B 485 2.58 25.66 20.33
C LYS B 485 3.91 26.12 20.92
N PRO B 486 4.38 27.30 20.52
CA PRO B 486 5.58 27.86 21.15
C PRO B 486 5.25 28.55 22.46
N CYS B 487 6.26 28.61 23.32
CA CYS B 487 6.17 29.29 24.61
C CYS B 487 6.82 30.65 24.50
N TYR B 488 6.06 31.71 24.78
CA TYR B 488 6.52 33.08 24.63
C TYR B 488 6.39 33.83 25.94
N PHE B 489 7.50 34.38 26.42
CA PHE B 489 7.52 35.33 27.53
C PHE B 489 8.12 36.62 26.99
N GLY B 490 7.26 37.59 26.68
CA GLY B 490 7.75 38.81 26.07
C GLY B 490 8.31 38.53 24.69
N ASN B 491 9.49 39.10 24.42
CA ASN B 491 10.19 38.85 23.16
C ASN B 491 11.04 37.59 23.21
N LEU B 492 10.97 36.83 24.29
CA LEU B 492 11.83 35.66 24.49
C LEU B 492 11.06 34.38 24.22
N LEU B 493 11.64 33.53 23.38
CA LEU B 493 11.10 32.19 23.13
C LEU B 493 11.74 31.23 24.11
N LEU B 494 10.90 30.58 24.93
CA LEU B 494 11.40 29.61 25.91
C LEU B 494 11.52 28.22 25.32
N GLY B 495 10.70 27.88 24.35
CA GLY B 495 10.66 26.56 23.76
C GLY B 495 9.27 26.31 23.20
N ILE B 496 8.89 25.03 23.16
CA ILE B 496 7.59 24.62 22.68
C ILE B 496 6.98 23.62 23.65
N VAL B 497 5.64 23.55 23.62
CA VAL B 497 4.90 22.51 24.30
C VAL B 497 4.19 21.69 23.24
N GLY B 498 4.03 20.40 23.51
CA GLY B 498 3.38 19.52 22.56
C GLY B 498 2.86 18.25 23.19
N VAL B 499 1.68 17.80 22.77
CA VAL B 499 1.11 16.56 23.24
C VAL B 499 0.93 15.63 22.05
N ASP B 500 1.24 14.35 22.26
CA ASP B 500 1.13 13.34 21.22
C ASP B 500 -0.11 12.49 21.47
N VAL B 501 -0.88 12.26 20.41
CA VAL B 501 -2.08 11.43 20.48
C VAL B 501 -1.89 10.24 19.56
N ASN B 502 -2.44 9.10 19.97
CA ASN B 502 -2.39 7.92 19.12
C ASN B 502 -3.18 8.15 17.84
N LEU B 503 -2.60 7.74 16.72
CA LEU B 503 -3.23 7.98 15.43
C LEU B 503 -4.59 7.28 15.33
N ALA B 504 -4.71 6.09 15.93
CA ALA B 504 -5.98 5.37 15.87
C ALA B 504 -7.05 6.04 16.71
N TYR B 505 -6.68 6.71 17.80
CA TYR B 505 -7.67 7.34 18.66
C TYR B 505 -8.22 8.62 18.04
N ILE B 506 -7.34 9.47 17.48
CA ILE B 506 -7.80 10.74 16.94
C ILE B 506 -8.63 10.51 15.68
N LEU B 507 -8.41 9.41 14.98
CA LEU B 507 -9.13 9.11 13.74
C LEU B 507 -10.20 8.04 13.92
N GLU B 508 -10.49 7.65 15.17
CA GLU B 508 -11.45 6.57 15.39
C GLU B 508 -12.85 6.93 14.94
N ASP B 509 -13.17 8.22 14.81
CA ASP B 509 -14.50 8.64 14.38
C ASP B 509 -14.65 8.60 12.86
N VAL B 510 -13.56 8.68 12.11
CA VAL B 510 -13.62 8.63 10.65
C VAL B 510 -13.16 7.28 10.10
N THR B 511 -12.38 6.51 10.86
CA THR B 511 -11.95 5.20 10.37
C THR B 511 -13.09 4.19 10.40
N TYR B 512 -14.04 4.32 11.33
CA TYR B 512 -15.10 3.34 11.52
C TYR B 512 -16.48 3.98 11.42
N TYR B 513 -16.62 5.00 10.58
CA TYR B 513 -17.93 5.64 10.38
C TYR B 513 -18.85 4.70 9.62
N GLN B 514 -20.01 4.40 10.19
CA GLN B 514 -20.95 3.45 9.58
C GLN B 514 -22.38 3.87 9.89
N ASP B 515 -22.68 5.17 9.76
CA ASP B 515 -24.02 5.66 10.08
C ASP B 515 -25.03 5.25 9.02
N SER B 516 -24.62 5.13 7.76
CA SER B 516 -25.53 4.81 6.68
C SER B 516 -24.82 3.95 5.65
N LEU B 517 -25.54 2.97 5.11
CA LEU B 517 -24.97 2.11 4.06
C LEU B 517 -24.70 2.88 2.77
N ALA B 518 -25.32 4.05 2.60
CA ALA B 518 -25.16 4.85 1.40
C ALA B 518 -24.14 5.97 1.58
N SER B 519 -23.26 5.87 2.57
CA SER B 519 -22.37 6.97 2.88
C SER B 519 -21.02 6.46 3.37
N TYR B 520 -20.00 7.28 3.18
CA TYR B 520 -18.70 7.09 3.81
C TYR B 520 -18.07 8.47 3.99
N THR B 521 -16.96 8.51 4.73
CA THR B 521 -16.33 9.76 5.09
C THR B 521 -14.84 9.70 4.78
N PHE B 522 -14.25 10.89 4.62
CA PHE B 522 -12.80 11.03 4.50
C PHE B 522 -12.38 12.33 5.15
N LEU B 523 -11.15 12.35 5.68
CA LEU B 523 -10.61 13.50 6.39
C LEU B 523 -9.33 13.96 5.69
N ILE B 524 -9.26 15.25 5.37
CA ILE B 524 -8.11 15.85 4.73
C ILE B 524 -7.74 17.13 5.46
N ASP B 525 -6.57 17.66 5.14
CA ASP B 525 -6.13 18.94 5.66
C ASP B 525 -6.35 20.02 4.59
N ASP B 526 -6.06 21.27 4.95
CA ASP B 526 -6.29 22.38 4.03
C ASP B 526 -5.34 22.36 2.83
N LYS B 527 -4.31 21.52 2.85
CA LYS B 527 -3.41 21.38 1.70
C LYS B 527 -3.85 20.26 0.76
N GLY B 528 -4.84 19.46 1.14
CA GLY B 528 -5.36 18.41 0.29
C GLY B 528 -4.92 17.01 0.65
N TYR B 529 -3.91 16.87 1.50
CA TYR B 529 -3.39 15.55 1.84
C TYR B 529 -4.41 14.76 2.64
N THR B 530 -4.57 13.49 2.29
CA THR B 530 -5.61 12.64 2.86
C THR B 530 -5.10 11.96 4.13
N LEU B 531 -5.82 12.15 5.23
CA LEU B 531 -5.48 11.50 6.48
C LEU B 531 -6.28 10.23 6.73
N MET B 532 -7.52 10.16 6.21
CA MET B 532 -8.33 8.96 6.34
C MET B 532 -9.31 8.89 5.17
N HIS B 533 -9.51 7.67 4.67
CA HIS B 533 -10.34 7.39 3.50
C HIS B 533 -10.53 5.88 3.45
N PRO B 534 -11.64 5.37 2.91
CA PRO B 534 -11.80 3.92 2.83
C PRO B 534 -10.69 3.20 2.09
N SER B 535 -9.91 3.91 1.27
CA SER B 535 -8.83 3.29 0.50
C SER B 535 -7.53 3.18 1.28
N LEU B 536 -7.44 3.74 2.48
CA LEU B 536 -6.22 3.74 3.26
C LEU B 536 -6.20 2.58 4.24
N THR B 537 -4.98 2.15 4.59
CA THR B 537 -4.80 1.12 5.60
C THR B 537 -5.17 1.66 6.97
N ARG B 538 -5.78 0.81 7.79
CA ARG B 538 -6.24 1.24 9.10
C ARG B 538 -5.04 1.51 10.01
N PRO B 539 -5.09 2.58 10.81
CA PRO B 539 -3.87 3.04 11.50
C PRO B 539 -3.40 2.11 12.61
N TYR B 540 -4.27 1.28 13.20
CA TYR B 540 -3.85 0.45 14.32
C TYR B 540 -2.83 -0.60 13.89
N LEU B 541 -2.84 -0.99 12.62
CA LEU B 541 -1.91 -2.00 12.12
C LEU B 541 -0.64 -1.41 11.51
N LEU B 542 -0.60 -0.09 11.32
CA LEU B 542 0.54 0.54 10.65
C LEU B 542 1.74 0.61 11.56
N SER B 543 2.88 0.13 11.07
CA SER B 543 4.16 0.30 11.74
C SER B 543 5.04 1.30 11.03
N GLU B 544 4.54 1.93 9.96
CA GLU B 544 5.30 2.87 9.15
C GLU B 544 4.37 3.99 8.71
N PRO B 545 4.87 5.21 8.63
CA PRO B 545 4.04 6.33 8.17
C PRO B 545 3.67 6.17 6.70
N PRO B 546 2.39 6.32 6.36
CA PRO B 546 1.96 6.11 4.98
C PRO B 546 2.45 7.22 4.07
N LEU B 547 2.32 6.96 2.77
CA LEU B 547 2.66 7.95 1.74
C LEU B 547 1.50 8.93 1.63
N HIS B 548 1.66 10.10 2.24
CA HIS B 548 0.60 11.11 2.26
C HIS B 548 0.28 11.56 0.84
N THR B 549 -0.98 11.36 0.43
CA THR B 549 -1.41 11.59 -0.93
C THR B 549 -2.62 12.51 -0.96
N ASP B 550 -2.69 13.35 -1.99
CA ASP B 550 -3.78 14.29 -2.12
C ASP B 550 -5.11 13.56 -2.36
N ILE B 551 -6.20 14.22 -1.96
CA ILE B 551 -7.53 13.61 -2.05
C ILE B 551 -7.97 13.42 -3.49
N ILE B 552 -7.39 14.17 -4.43
CA ILE B 552 -7.73 14.00 -5.85
C ILE B 552 -7.35 12.62 -6.35
N HIS B 553 -6.46 11.93 -5.64
CA HIS B 553 -6.01 10.60 -6.06
C HIS B 553 -6.82 9.47 -5.46
N TYR B 554 -7.29 9.61 -4.23
CA TYR B 554 -8.12 8.57 -3.63
C TYR B 554 -9.57 8.67 -4.09
N GLU B 555 -10.06 9.90 -4.26
CA GLU B 555 -11.39 10.14 -4.81
C GLU B 555 -11.31 10.35 -6.32
N ASN B 556 -10.64 9.40 -7.00
CA ASN B 556 -10.35 9.51 -8.43
C ASN B 556 -11.63 9.39 -9.26
N ILE B 557 -12.28 10.52 -9.52
CA ILE B 557 -13.52 10.56 -10.29
C ILE B 557 -13.50 11.81 -11.17
N PRO B 558 -13.93 11.74 -12.42
CA PRO B 558 -14.01 12.94 -13.24
C PRO B 558 -14.96 13.96 -12.64
N LYS B 559 -14.67 15.24 -12.91
CA LYS B 559 -15.42 16.40 -12.42
C LYS B 559 -15.27 16.61 -10.92
N PHE B 560 -14.40 15.84 -10.25
CA PHE B 560 -14.23 16.01 -8.81
C PHE B 560 -13.31 17.17 -8.47
N GLU B 561 -12.40 17.55 -9.38
CA GLU B 561 -11.52 18.67 -9.12
C GLU B 561 -12.29 19.97 -8.93
N LEU B 562 -13.53 20.04 -9.44
CA LEU B 562 -14.39 21.19 -9.15
C LEU B 562 -14.85 21.18 -7.71
N VAL B 563 -15.28 20.01 -7.22
CA VAL B 563 -15.70 19.90 -5.82
C VAL B 563 -14.50 20.03 -4.89
N ARG B 564 -13.32 19.56 -5.32
CA ARG B 564 -12.12 19.68 -4.49
C ARG B 564 -11.78 21.14 -4.22
N GLN B 565 -11.87 21.99 -5.25
CA GLN B 565 -11.61 23.41 -5.06
C GLN B 565 -12.61 24.03 -4.10
N ASN B 566 -13.88 23.59 -4.15
CA ASN B 566 -14.87 24.13 -3.24
C ASN B 566 -14.67 23.62 -1.82
N ILE B 567 -14.09 22.43 -1.66
CA ILE B 567 -13.87 21.88 -0.32
C ILE B 567 -12.73 22.61 0.36
N LEU B 568 -11.63 22.85 -0.35
CA LEU B 568 -10.48 23.50 0.26
C LEU B 568 -10.68 25.01 0.45
N SER B 569 -11.69 25.59 -0.20
CA SER B 569 -11.95 27.03 -0.08
C SER B 569 -13.13 27.32 0.84
N LEU B 570 -14.31 26.81 0.51
CA LEU B 570 -15.48 27.08 1.33
C LEU B 570 -15.41 26.30 2.64
N PRO B 571 -15.60 26.95 3.79
CA PRO B 571 -15.53 26.22 5.07
C PRO B 571 -16.70 25.28 5.29
N LEU B 572 -17.82 25.46 4.57
CA LEU B 572 -18.99 24.63 4.75
C LEU B 572 -19.84 24.72 3.49
N GLY B 573 -20.43 23.59 3.11
CA GLY B 573 -21.28 23.56 1.93
C GLY B 573 -21.48 22.15 1.45
N SER B 574 -22.25 22.04 0.36
CA SER B 574 -22.53 20.76 -0.27
C SER B 574 -22.77 20.97 -1.75
N GLN B 575 -22.55 19.91 -2.53
CA GLN B 575 -22.72 19.97 -3.97
C GLN B 575 -22.91 18.57 -4.50
N ILE B 576 -23.81 18.42 -5.47
CA ILE B 576 -24.07 17.13 -6.12
C ILE B 576 -23.54 17.20 -7.55
N ILE B 577 -23.00 16.08 -8.03
CA ILE B 577 -22.49 15.98 -9.39
C ILE B 577 -22.94 14.65 -9.98
N THR B 578 -23.01 14.62 -11.31
CA THR B 578 -23.42 13.45 -12.06
C THR B 578 -22.19 12.75 -12.63
N VAL B 579 -22.06 11.46 -12.35
CA VAL B 579 -20.87 10.70 -12.72
C VAL B 579 -21.29 9.43 -13.46
N PRO B 580 -20.65 9.09 -14.58
CA PRO B 580 -20.94 7.81 -15.24
C PRO B 580 -20.36 6.64 -14.46
N VAL B 581 -20.97 5.48 -14.66
CA VAL B 581 -20.60 4.30 -13.89
C VAL B 581 -19.38 3.58 -14.43
N ASN B 582 -19.08 3.71 -15.72
CA ASN B 582 -17.98 2.97 -16.32
C ASN B 582 -16.61 3.58 -16.03
N SER B 583 -16.57 4.75 -15.39
CA SER B 583 -15.31 5.41 -15.03
C SER B 583 -15.44 5.90 -13.59
N SER B 584 -15.32 4.97 -12.65
CA SER B 584 -15.46 5.29 -11.23
C SER B 584 -14.79 4.18 -10.42
N LEU B 585 -14.73 4.40 -9.11
CA LEU B 585 -14.14 3.45 -8.18
C LEU B 585 -15.24 2.71 -7.42
N SER B 586 -14.84 1.65 -6.71
CA SER B 586 -15.81 0.72 -6.16
C SER B 586 -16.58 1.31 -4.98
N TRP B 587 -15.98 2.27 -4.26
CA TRP B 587 -16.67 2.85 -3.11
C TRP B 587 -17.97 3.52 -3.49
N HIS B 588 -18.09 3.96 -4.75
CA HIS B 588 -19.32 4.54 -5.25
C HIS B 588 -20.23 3.50 -5.89
N ILE B 589 -19.66 2.58 -6.67
CA ILE B 589 -20.48 1.59 -7.39
C ILE B 589 -21.11 0.61 -6.42
N ASN B 590 -20.37 0.23 -5.37
CA ASN B 590 -20.89 -0.73 -4.40
C ASN B 590 -22.04 -0.18 -3.56
N LYS B 591 -22.35 1.12 -3.67
CA LYS B 591 -23.44 1.72 -2.94
C LYS B 591 -24.59 2.16 -3.85
N LEU B 592 -24.59 1.72 -5.10
CA LEU B 592 -25.71 2.00 -6.00
C LEU B 592 -26.96 1.27 -5.51
N ARG B 593 -28.10 1.94 -5.62
CA ARG B 593 -29.38 1.35 -5.23
C ARG B 593 -30.38 1.34 -6.38
N GLU B 594 -29.89 1.34 -7.62
CA GLU B 594 -30.73 1.20 -8.81
C GLU B 594 -29.97 0.35 -9.83
N THR B 595 -30.66 -0.65 -10.38
CA THR B 595 -30.05 -1.55 -11.34
C THR B 595 -30.07 -0.95 -12.75
N GLY B 596 -29.15 -1.42 -13.58
CA GLY B 596 -29.08 -0.95 -14.96
C GLY B 596 -28.82 0.53 -15.08
N LYS B 597 -27.99 1.08 -14.21
CA LYS B 597 -27.74 2.51 -14.16
C LYS B 597 -26.54 2.86 -15.04
N GLU B 598 -26.69 3.90 -15.87
CA GLU B 598 -25.61 4.39 -16.72
C GLU B 598 -24.85 5.55 -16.10
N ALA B 599 -25.48 6.29 -15.20
CA ALA B 599 -24.85 7.41 -14.51
C ALA B 599 -25.59 7.64 -13.20
N TYR B 600 -24.87 8.10 -12.19
CA TYR B 600 -25.41 8.20 -10.84
C TYR B 600 -25.01 9.54 -10.24
N ASN B 601 -25.80 9.97 -9.25
CA ASN B 601 -25.54 11.20 -8.53
C ASN B 601 -24.69 10.94 -7.30
N VAL B 602 -23.83 11.90 -6.97
CA VAL B 602 -23.00 11.85 -5.77
C VAL B 602 -23.17 13.18 -5.02
N SER B 603 -23.27 13.10 -3.71
CA SER B 603 -23.40 14.28 -2.86
C SER B 603 -22.17 14.39 -1.96
N TYR B 604 -21.48 15.52 -2.04
CA TYR B 604 -20.31 15.80 -1.20
C TYR B 604 -20.69 16.91 -0.23
N ALA B 605 -20.77 16.56 1.05
CA ALA B 605 -21.07 17.52 2.11
C ALA B 605 -19.85 17.62 3.02
N TRP B 606 -19.26 18.82 3.09
CA TRP B 606 -18.02 19.02 3.83
C TRP B 606 -18.20 20.15 4.85
N LYS B 607 -17.28 20.19 5.80
CA LYS B 607 -17.25 21.22 6.83
C LYS B 607 -15.89 21.19 7.50
N MET B 608 -15.21 22.33 7.55
CA MET B 608 -13.91 22.39 8.18
C MET B 608 -14.05 22.22 9.69
N VAL B 609 -13.11 21.50 10.28
CA VAL B 609 -13.10 21.30 11.73
C VAL B 609 -12.62 22.60 12.40
N GLN B 610 -13.36 23.03 13.42
CA GLN B 610 -13.11 24.35 14.01
C GLN B 610 -11.73 24.41 14.66
N ASP B 611 -11.02 25.51 14.40
CA ASP B 611 -9.74 25.81 15.05
C ASP B 611 -8.67 24.78 14.72
N THR B 612 -8.71 24.26 13.50
CA THR B 612 -7.66 23.36 13.02
C THR B 612 -7.68 23.34 11.50
N SER B 613 -6.59 22.82 10.93
CA SER B 613 -6.36 22.84 9.50
C SER B 613 -7.01 21.66 8.78
N PHE B 614 -7.87 20.91 9.44
CA PHE B 614 -8.47 19.70 8.87
C PHE B 614 -9.88 19.98 8.38
N ILE B 615 -10.30 19.23 7.36
CA ILE B 615 -11.64 19.34 6.78
C ILE B 615 -12.22 17.95 6.65
N LEU B 616 -13.45 17.77 7.11
CA LEU B 616 -14.16 16.50 7.05
C LEU B 616 -15.26 16.58 6.01
N CYS B 617 -15.51 15.48 5.32
CA CYS B 617 -16.51 15.43 4.27
C CYS B 617 -17.28 14.12 4.35
N ILE B 618 -18.53 14.15 3.89
CA ILE B 618 -19.40 12.99 3.85
C ILE B 618 -19.83 12.77 2.40
N VAL B 619 -19.57 11.56 1.89
CA VAL B 619 -19.93 11.19 0.52
C VAL B 619 -21.18 10.35 0.56
N VAL B 620 -22.25 10.82 -0.07
CA VAL B 620 -23.53 10.11 -0.12
C VAL B 620 -23.77 9.69 -1.56
N ILE B 621 -23.82 8.37 -1.79
CA ILE B 621 -24.02 7.83 -3.12
C ILE B 621 -25.51 7.79 -3.42
N GLN B 622 -25.91 8.45 -4.51
CA GLN B 622 -27.29 8.49 -4.99
C GLN B 622 -28.22 8.99 -3.88
N PRO B 623 -28.10 10.26 -3.48
CA PRO B 623 -28.89 10.74 -2.33
C PRO B 623 -30.36 10.91 -2.62
N GLU B 624 -30.76 11.05 -3.89
CA GLU B 624 -32.17 11.23 -4.22
C GLU B 624 -32.99 9.95 -4.07
N ILE B 625 -32.37 8.85 -3.65
CA ILE B 625 -33.02 7.56 -3.52
C ILE B 625 -32.82 7.07 -2.09
N PRO B 626 -33.87 6.63 -1.40
CA PRO B 626 -33.75 6.35 0.04
C PRO B 626 -32.78 5.21 0.34
N VAL B 627 -32.33 5.20 1.59
CA VAL B 627 -31.49 4.12 2.13
C VAL B 627 -32.26 3.47 3.27
N LYS B 628 -32.29 2.14 3.29
CA LYS B 628 -33.03 1.40 4.29
C LYS B 628 -32.16 1.09 5.49
N GLN B 629 -32.74 1.21 6.69
CA GLN B 629 -32.07 0.85 7.92
C GLN B 629 -32.94 -0.14 8.69
N LEU B 630 -32.29 -1.14 9.29
CA LEU B 630 -33.01 -2.21 9.97
C LEU B 630 -33.69 -1.67 11.21
N LYS B 631 -35.01 -1.83 11.29
CA LYS B 631 -35.75 -1.40 12.46
C LYS B 631 -35.45 -2.31 13.66
N ASN B 632 -35.56 -1.74 14.86
CA ASN B 632 -35.31 -2.49 16.07
C ASN B 632 -36.27 -3.67 16.18
N LEU B 633 -35.74 -4.86 16.42
CA LEU B 633 -36.53 -6.07 16.52
C LEU B 633 -36.31 -6.72 17.88
N ASN B 634 -37.00 -7.84 18.11
CA ASN B 634 -37.13 -8.40 19.46
C ASN B 634 -36.96 -9.91 19.50
N THR B 635 -36.30 -10.51 18.51
CA THR B 635 -36.26 -11.97 18.42
C THR B 635 -35.62 -12.57 19.66
N VAL B 636 -36.30 -13.57 20.23
CA VAL B 636 -35.79 -14.30 21.39
C VAL B 636 -34.79 -15.33 20.91
N PRO B 637 -33.68 -15.53 21.61
CA PRO B 637 -32.65 -16.46 21.13
C PRO B 637 -33.13 -17.91 21.27
N SER B 638 -33.18 -18.61 20.13
CA SER B 638 -33.50 -20.03 20.16
C SER B 638 -32.38 -20.83 20.80
N SER B 639 -31.13 -20.44 20.54
CA SER B 639 -29.96 -21.03 21.17
C SER B 639 -29.17 -19.93 21.87
N LYS B 640 -28.34 -20.35 22.83
CA LYS B 640 -27.56 -19.39 23.60
C LYS B 640 -26.45 -18.78 22.74
N LEU B 641 -26.27 -17.48 22.88
CA LEU B 641 -25.23 -16.76 22.16
C LEU B 641 -23.87 -17.06 22.78
N LEU B 642 -22.86 -17.21 21.92
CA LEU B 642 -21.50 -17.54 22.35
C LEU B 642 -20.54 -16.53 21.75
N TYR B 643 -20.00 -15.65 22.59
CA TYR B 643 -18.98 -14.71 22.15
C TYR B 643 -17.71 -15.44 21.77
N HIS B 644 -17.00 -14.91 20.77
CA HIS B 644 -15.87 -15.62 20.18
C HIS B 644 -14.67 -15.71 21.10
N ARG B 645 -14.68 -15.02 22.25
CA ARG B 645 -13.55 -15.05 23.18
C ARG B 645 -13.54 -16.38 23.95
N LEU B 646 -13.17 -17.44 23.23
CA LEU B 646 -13.10 -18.77 23.83
C LEU B 646 -11.97 -18.89 24.83
N ASP B 647 -10.94 -18.05 24.72
CA ASP B 647 -9.83 -18.11 25.68
C ASP B 647 -10.26 -17.62 27.05
N LEU B 648 -11.08 -16.57 27.10
CA LEU B 648 -11.56 -16.05 28.37
C LEU B 648 -12.66 -16.90 28.98
N LEU B 649 -13.32 -17.73 28.19
CA LEU B 649 -14.42 -18.56 28.70
C LEU B 649 -13.90 -19.93 29.12
N GLY B 650 -13.47 -20.74 28.15
CA GLY B 650 -13.01 -22.08 28.43
C GLY B 650 -14.08 -23.03 28.90
N GLN B 651 -15.34 -22.61 28.87
CA GLN B 651 -16.46 -23.41 29.33
C GLN B 651 -16.90 -24.43 28.27
N PRO B 652 -17.05 -24.07 27.00
CA PRO B 652 -17.36 -25.09 25.99
C PRO B 652 -16.14 -25.95 25.69
N SER B 653 -16.42 -27.14 25.15
CA SER B 653 -15.36 -28.06 24.77
C SER B 653 -14.52 -27.46 23.64
N ALA B 654 -13.23 -27.31 23.87
CA ALA B 654 -12.34 -26.62 22.96
C ALA B 654 -11.52 -27.60 22.13
N CYS B 655 -10.97 -27.10 21.03
CA CYS B 655 -10.13 -27.86 20.13
C CYS B 655 -9.46 -26.88 19.18
N LEU B 656 -8.45 -27.37 18.46
CA LEU B 656 -7.73 -26.54 17.49
C LEU B 656 -8.31 -26.73 16.11
N HIS B 657 -8.54 -25.61 15.41
CA HIS B 657 -8.95 -25.61 14.01
C HIS B 657 -7.86 -24.84 13.26
N PHE B 658 -6.87 -25.58 12.77
CA PHE B 658 -5.66 -25.01 12.14
C PHE B 658 -4.96 -24.18 13.22
N LYS B 659 -4.65 -22.92 12.98
CA LYS B 659 -4.00 -22.06 13.98
C LYS B 659 -5.02 -21.24 14.75
N GLN B 660 -6.05 -21.90 15.28
CA GLN B 660 -7.13 -21.22 15.97
C GLN B 660 -7.58 -22.04 17.17
N LEU B 661 -8.02 -21.33 18.21
CA LEU B 661 -8.76 -21.95 19.31
C LEU B 661 -10.24 -21.90 18.96
N ALA B 662 -10.83 -23.06 18.70
CA ALA B 662 -12.19 -23.14 18.19
C ALA B 662 -12.98 -24.19 18.97
N THR B 663 -14.23 -24.37 18.55
CA THR B 663 -15.12 -25.36 19.16
C THR B 663 -16.14 -25.81 18.12
N LEU B 664 -16.58 -27.05 18.26
CA LEU B 664 -17.64 -27.59 17.42
C LEU B 664 -18.99 -27.61 18.13
N GLU B 665 -19.04 -27.16 19.39
CA GLU B 665 -20.28 -27.23 20.16
C GLU B 665 -21.33 -26.26 19.62
N SER B 666 -20.90 -25.07 19.22
CA SER B 666 -21.82 -24.07 18.68
C SER B 666 -21.00 -23.01 17.95
N PRO B 667 -21.60 -22.32 16.98
CA PRO B 667 -20.89 -21.21 16.34
C PRO B 667 -20.75 -20.03 17.28
N THR B 668 -19.79 -19.17 16.96
CA THR B 668 -19.51 -17.99 17.76
C THR B 668 -19.92 -16.74 17.00
N VAL B 669 -19.99 -15.63 17.73
CA VAL B 669 -20.27 -14.32 17.16
C VAL B 669 -19.15 -13.37 17.60
N MET B 670 -18.70 -12.54 16.67
CA MET B 670 -17.63 -11.59 16.94
C MET B 670 -18.10 -10.19 16.60
N LEU B 671 -17.64 -9.21 17.38
CA LEU B 671 -17.87 -7.80 17.10
C LEU B 671 -16.53 -7.15 16.78
N SER B 672 -16.44 -6.56 15.60
CA SER B 672 -15.20 -5.92 15.19
C SER B 672 -15.09 -4.53 15.80
N ALA B 673 -13.85 -4.06 15.94
CA ALA B 673 -13.61 -2.68 16.38
C ALA B 673 -14.24 -1.72 15.38
N GLY B 674 -15.28 -1.02 15.80
CA GLY B 674 -16.07 -0.21 14.89
C GLY B 674 -17.53 -0.38 15.21
N SER B 675 -17.88 -1.56 15.74
CA SER B 675 -19.20 -1.76 16.33
C SER B 675 -19.32 -1.11 17.69
N PHE B 676 -18.20 -0.85 18.36
CA PHE B 676 -18.18 -0.20 19.66
C PHE B 676 -18.14 1.32 19.49
N SER B 677 -18.64 2.02 20.50
CA SER B 677 -18.69 3.48 20.42
C SER B 677 -17.29 4.10 20.48
N SER B 678 -16.35 3.43 21.15
CA SER B 678 -14.95 3.87 21.20
C SER B 678 -14.09 2.73 20.68
N PRO B 679 -13.88 2.65 19.36
CA PRO B 679 -13.10 1.52 18.82
C PRO B 679 -11.66 1.49 19.29
N TYR B 680 -11.03 2.64 19.51
CA TYR B 680 -9.66 2.64 20.01
C TYR B 680 -9.59 2.08 21.43
N GLU B 681 -10.58 2.42 22.26
CA GLU B 681 -10.63 1.87 23.60
C GLU B 681 -10.77 0.35 23.60
N HIS B 682 -11.50 -0.19 22.62
CA HIS B 682 -11.65 -1.64 22.52
C HIS B 682 -10.37 -2.31 22.03
N LEU B 683 -9.62 -1.64 21.16
CA LEU B 683 -8.39 -2.22 20.63
C LEU B 683 -7.24 -2.10 21.61
N SER B 684 -7.08 -0.94 22.23
CA SER B 684 -5.93 -0.69 23.11
C SER B 684 -6.07 -1.40 24.45
N GLN B 685 -7.21 -1.21 25.12
CA GLN B 685 -7.39 -1.79 26.44
C GLN B 685 -7.76 -3.27 26.33
N PRO B 686 -7.34 -4.08 27.30
CA PRO B 686 -7.61 -5.52 27.22
C PRO B 686 -9.09 -5.84 27.37
N GLU B 687 -9.53 -6.84 26.63
CA GLU B 687 -10.90 -7.35 26.73
C GLU B 687 -10.91 -8.47 27.76
N THR B 688 -11.74 -8.32 28.80
CA THR B 688 -11.76 -9.24 29.92
C THR B 688 -13.05 -10.03 29.95
N LYS B 689 -13.07 -11.06 30.82
CA LYS B 689 -14.24 -11.91 30.94
C LYS B 689 -15.45 -11.13 31.44
N ARG B 690 -15.22 -10.10 32.26
CA ARG B 690 -16.33 -9.27 32.75
C ARG B 690 -17.03 -8.57 31.59
N MET B 691 -16.27 -8.03 30.64
CA MET B 691 -16.87 -7.34 29.50
C MET B 691 -17.55 -8.32 28.55
N VAL B 692 -17.02 -9.53 28.42
CA VAL B 692 -17.65 -10.54 27.57
C VAL B 692 -19.03 -10.90 28.11
N GLU B 693 -19.14 -11.04 29.43
CA GLU B 693 -20.44 -11.36 30.03
C GLU B 693 -21.43 -10.21 29.87
N HIS B 694 -20.95 -8.97 29.94
CA HIS B 694 -21.82 -7.82 29.76
C HIS B 694 -22.35 -7.75 28.33
N TYR B 695 -21.46 -7.92 27.35
CA TYR B 695 -21.89 -7.86 25.95
C TYR B 695 -22.83 -9.02 25.62
N THR B 696 -22.55 -10.21 26.17
CA THR B 696 -23.43 -11.35 25.92
C THR B 696 -24.81 -11.11 26.51
N ALA B 697 -24.88 -10.48 27.69
CA ALA B 697 -26.17 -10.22 28.31
C ALA B 697 -26.96 -9.18 27.53
N TYR B 698 -26.30 -8.11 27.08
CA TYR B 698 -27.01 -7.05 26.37
C TYR B 698 -27.47 -7.52 25.00
N LEU B 699 -26.63 -8.30 24.30
CA LEU B 699 -26.98 -8.73 22.95
C LEU B 699 -28.11 -9.75 22.95
N SER B 700 -28.19 -10.57 24.00
CA SER B 700 -29.26 -11.56 24.13
C SER B 700 -30.40 -11.07 25.02
N ASP B 701 -30.42 -9.79 25.36
CA ASP B 701 -31.46 -9.22 26.22
C ASP B 701 -32.72 -9.00 25.40
N ASN B 702 -33.78 -9.75 25.70
CA ASN B 702 -35.06 -9.61 25.03
C ASN B 702 -36.04 -8.75 25.83
N THR B 703 -35.64 -8.27 27.00
CA THR B 703 -36.52 -7.45 27.83
C THR B 703 -36.41 -5.96 27.53
N ARG B 704 -35.45 -5.55 26.70
CA ARG B 704 -35.22 -4.14 26.37
C ARG B 704 -34.96 -3.30 27.61
N LEU B 705 -34.41 -3.91 28.65
CA LEU B 705 -34.15 -3.23 29.92
C LEU B 705 -32.67 -2.92 30.14
N ILE B 706 -31.76 -3.78 29.70
CA ILE B 706 -30.35 -3.55 29.91
C ILE B 706 -29.88 -2.38 29.05
N ALA B 707 -29.21 -1.42 29.69
CA ALA B 707 -28.72 -0.25 28.98
C ALA B 707 -27.54 -0.62 28.07
N ASN B 708 -27.31 0.23 27.09
CA ASN B 708 -26.25 -0.01 26.11
C ASN B 708 -24.89 0.12 26.77
N PRO B 709 -24.09 -0.96 26.81
CA PRO B 709 -22.78 -0.88 27.48
C PRO B 709 -21.69 -0.21 26.65
N GLY B 710 -21.96 0.10 25.37
CA GLY B 710 -20.97 0.76 24.55
C GLY B 710 -20.99 0.33 23.09
N LEU B 711 -22.15 -0.10 22.60
CA LEU B 711 -22.31 -0.54 21.23
C LEU B 711 -22.93 0.56 20.39
N LYS B 712 -22.76 0.45 19.07
CA LYS B 712 -23.26 1.44 18.14
C LYS B 712 -24.68 1.07 17.68
N PHE B 713 -25.26 1.96 16.89
CA PHE B 713 -26.59 1.74 16.35
C PHE B 713 -26.58 0.60 15.33
N SER B 714 -27.69 -0.14 15.28
CA SER B 714 -27.94 -1.26 14.38
C SER B 714 -27.05 -2.47 14.65
N VAL B 715 -26.20 -2.44 15.68
CA VAL B 715 -25.31 -3.56 15.95
C VAL B 715 -26.10 -4.74 16.48
N ARG B 716 -26.85 -4.55 17.57
CA ARG B 716 -27.62 -5.64 18.15
C ARG B 716 -28.73 -6.09 17.22
N ASN B 717 -29.32 -5.18 16.45
CA ASN B 717 -30.36 -5.56 15.50
C ASN B 717 -29.83 -6.54 14.45
N GLU B 718 -28.57 -6.39 14.06
CA GLU B 718 -27.97 -7.33 13.12
C GLU B 718 -27.54 -8.63 13.81
N VAL B 719 -27.17 -8.56 15.10
CA VAL B 719 -26.88 -9.78 15.85
C VAL B 719 -28.12 -10.66 15.95
N MET B 720 -29.27 -10.05 16.21
CA MET B 720 -30.51 -10.80 16.29
C MET B 720 -30.98 -11.24 14.91
N ALA B 721 -30.79 -10.40 13.90
CA ALA B 721 -31.23 -10.76 12.55
C ALA B 721 -30.47 -11.96 12.02
N THR B 722 -29.18 -12.06 12.34
CA THR B 722 -28.35 -13.16 11.88
C THR B 722 -28.31 -14.33 12.86
N SER B 723 -29.05 -14.26 13.97
CA SER B 723 -29.04 -15.34 14.94
C SER B 723 -29.71 -16.61 14.43
N HIS B 724 -30.36 -16.56 13.27
CA HIS B 724 -31.03 -17.73 12.74
C HIS B 724 -30.09 -18.71 12.05
N VAL B 725 -28.86 -18.30 11.72
CA VAL B 725 -27.92 -19.20 11.10
C VAL B 725 -27.45 -20.28 12.06
N THR B 726 -27.60 -20.06 13.37
CA THR B 726 -27.14 -21.05 14.35
C THR B 726 -27.86 -22.38 14.17
N ASP B 727 -29.19 -22.37 14.27
CA ASP B 727 -29.94 -23.60 14.10
C ASP B 727 -29.90 -24.09 12.66
N GLU B 728 -29.76 -23.18 11.70
CA GLU B 728 -29.70 -23.57 10.29
C GLU B 728 -28.42 -24.35 10.00
N TRP B 729 -27.28 -23.85 10.49
CA TRP B 729 -26.01 -24.54 10.26
C TRP B 729 -25.96 -25.86 11.00
N MET B 730 -26.23 -25.84 12.31
CA MET B 730 -26.10 -27.05 13.12
C MET B 730 -27.00 -28.17 12.64
N THR B 731 -28.16 -27.83 12.07
CA THR B 731 -29.03 -28.85 11.50
C THR B 731 -28.37 -29.50 10.28
N GLN B 732 -27.69 -28.71 9.47
CA GLN B 732 -27.06 -29.25 8.26
C GLN B 732 -25.87 -30.14 8.61
N MET B 733 -25.19 -29.88 9.73
CA MET B 733 -24.01 -30.66 10.08
C MET B 733 -24.35 -32.13 10.30
N GLU B 734 -25.52 -32.40 10.90
CA GLU B 734 -25.88 -33.76 11.25
C GLU B 734 -26.17 -34.63 10.04
N MET B 735 -26.55 -34.03 8.91
CA MET B 735 -26.92 -34.78 7.72
C MET B 735 -26.00 -34.56 6.52
N SER B 736 -25.08 -33.60 6.59
CA SER B 736 -24.24 -33.31 5.45
C SER B 736 -23.11 -34.32 5.32
N SER B 737 -22.73 -34.59 4.08
CA SER B 737 -21.59 -35.44 3.78
C SER B 737 -20.33 -34.64 3.48
N LEU B 738 -20.42 -33.32 3.48
CA LEU B 738 -19.30 -32.44 3.15
C LEU B 738 -18.62 -31.86 4.39
N ASN B 739 -18.74 -32.53 5.54
CA ASN B 739 -18.11 -32.03 6.76
C ASN B 739 -16.60 -32.12 6.72
N THR B 740 -16.04 -32.96 5.84
CA THR B 740 -14.60 -33.09 5.71
C THR B 740 -14.04 -32.21 4.61
N TYR B 741 -14.88 -31.48 3.87
CA TYR B 741 -14.44 -30.61 2.79
C TYR B 741 -14.68 -29.14 3.06
N ILE B 742 -15.48 -28.79 4.07
CA ILE B 742 -15.79 -27.41 4.39
C ILE B 742 -14.95 -27.00 5.60
N VAL B 743 -14.10 -26.00 5.42
CA VAL B 743 -13.22 -25.60 6.52
C VAL B 743 -13.95 -24.68 7.49
N ARG B 744 -14.87 -23.86 6.99
CA ARG B 744 -15.72 -23.02 7.84
C ARG B 744 -16.74 -22.32 6.96
N ARG B 745 -17.83 -21.89 7.60
CA ARG B 745 -18.85 -21.07 6.97
C ARG B 745 -19.17 -19.91 7.90
N TYR B 746 -19.64 -18.81 7.32
CA TYR B 746 -19.79 -17.60 8.11
C TYR B 746 -20.74 -16.63 7.43
N ILE B 747 -21.15 -15.61 8.18
CA ILE B 747 -21.96 -14.50 7.68
C ILE B 747 -21.47 -13.24 8.36
N ALA B 748 -21.32 -12.16 7.57
CA ALA B 748 -20.80 -10.89 8.07
C ALA B 748 -21.74 -9.77 7.66
N THR B 749 -21.76 -8.72 8.48
CA THR B 749 -22.65 -7.58 8.30
C THR B 749 -21.85 -6.29 8.22
N PRO B 750 -22.41 -5.23 7.61
CA PRO B 750 -21.65 -3.99 7.48
C PRO B 750 -21.29 -3.33 8.80
N ASN B 751 -22.07 -3.55 9.85
CA ASN B 751 -21.86 -2.87 11.12
C ASN B 751 -21.00 -3.67 12.10
N GLY B 752 -20.39 -4.75 11.66
CA GLY B 752 -19.36 -5.43 12.42
C GLY B 752 -19.73 -6.73 13.09
N VAL B 753 -20.80 -7.40 12.65
CA VAL B 753 -21.18 -8.69 13.21
C VAL B 753 -20.60 -9.80 12.34
N LEU B 754 -20.02 -10.81 12.97
CA LEU B 754 -19.39 -11.92 12.27
C LEU B 754 -19.67 -13.21 13.02
N ARG B 755 -20.49 -14.08 12.42
CA ARG B 755 -20.81 -15.38 12.98
C ARG B 755 -20.13 -16.45 12.12
N ILE B 756 -19.29 -17.27 12.74
CA ILE B 756 -18.55 -18.30 12.03
C ILE B 756 -18.80 -19.65 12.68
N TYR B 757 -18.75 -20.70 11.86
CA TYR B 757 -18.75 -22.07 12.35
C TYR B 757 -17.71 -22.82 11.52
N PRO B 758 -16.79 -23.57 12.14
CA PRO B 758 -16.67 -23.79 13.58
C PRO B 758 -16.31 -22.53 14.36
N GLY B 759 -17.04 -22.27 15.44
CA GLY B 759 -16.81 -21.09 16.24
C GLY B 759 -15.37 -20.95 16.69
N SER B 760 -14.67 -19.95 16.17
CA SER B 760 -13.24 -19.80 16.39
C SER B 760 -12.92 -18.44 16.98
N LEU B 761 -11.76 -18.35 17.62
CA LEU B 761 -11.27 -17.11 18.20
C LEU B 761 -10.50 -16.32 17.16
N MET B 762 -10.83 -15.04 17.01
CA MET B 762 -10.21 -14.16 16.03
C MET B 762 -9.51 -13.01 16.74
N ASP B 763 -8.69 -12.30 15.98
CA ASP B 763 -8.03 -11.10 16.48
C ASP B 763 -9.01 -9.93 16.49
N LYS B 764 -8.80 -9.01 17.43
CA LYS B 764 -9.71 -7.88 17.58
C LYS B 764 -9.76 -7.03 16.32
N ALA B 765 -8.62 -6.87 15.64
CA ALA B 765 -8.53 -5.97 14.50
C ALA B 765 -9.10 -6.57 13.22
N PHE B 766 -9.58 -7.81 13.25
CA PHE B 766 -10.08 -8.42 12.03
C PHE B 766 -11.36 -7.75 11.55
N ASP B 767 -11.36 -7.32 10.29
CA ASP B 767 -12.52 -6.69 9.67
C ASP B 767 -12.90 -7.48 8.42
N PRO B 768 -13.94 -8.31 8.49
CA PRO B 768 -14.33 -9.09 7.30
C PRO B 768 -14.88 -8.24 6.17
N THR B 769 -15.28 -6.99 6.43
CA THR B 769 -15.81 -6.14 5.38
C THR B 769 -14.75 -5.64 4.42
N ARG B 770 -13.47 -5.82 4.76
CA ARG B 770 -12.37 -5.40 3.89
C ARG B 770 -11.64 -6.59 3.27
N ARG B 771 -12.12 -7.81 3.48
CA ARG B 771 -11.56 -8.98 2.85
C ARG B 771 -12.05 -9.11 1.41
N GLN B 772 -11.35 -9.94 0.64
CA GLN B 772 -11.63 -10.05 -0.78
C GLN B 772 -13.00 -10.69 -1.02
N TRP B 773 -13.33 -11.74 -0.28
CA TRP B 773 -14.59 -12.44 -0.50
C TRP B 773 -15.79 -11.56 -0.21
N TYR B 774 -15.65 -10.60 0.71
CA TYR B 774 -16.74 -9.67 0.99
C TYR B 774 -16.93 -8.69 -0.15
N LEU B 775 -15.86 -7.99 -0.53
CA LEU B 775 -15.98 -6.98 -1.58
C LEU B 775 -16.29 -7.60 -2.93
N HIS B 776 -15.82 -8.82 -3.19
CA HIS B 776 -16.13 -9.48 -4.45
C HIS B 776 -17.60 -9.84 -4.55
N ALA B 777 -18.24 -10.17 -3.42
CA ALA B 777 -19.66 -10.50 -3.45
C ALA B 777 -20.52 -9.26 -3.60
N VAL B 778 -20.14 -8.16 -2.95
CA VAL B 778 -20.88 -6.91 -3.09
C VAL B 778 -20.85 -6.44 -4.53
N ALA B 779 -19.72 -6.64 -5.22
CA ALA B 779 -19.62 -6.21 -6.61
C ALA B 779 -20.49 -7.07 -7.53
N ASN B 780 -20.81 -8.30 -7.12
CA ASN B 780 -21.66 -9.21 -7.88
C ASN B 780 -22.85 -9.58 -7.01
N PRO B 781 -23.85 -8.69 -6.89
CA PRO B 781 -24.99 -8.98 -6.02
C PRO B 781 -25.90 -10.03 -6.63
N GLY B 782 -26.41 -10.91 -5.76
CA GLY B 782 -27.34 -11.95 -6.18
C GLY B 782 -26.70 -13.12 -6.90
N LEU B 783 -25.38 -13.15 -7.03
CA LEU B 783 -24.67 -14.21 -7.72
C LEU B 783 -23.72 -14.91 -6.77
N ILE B 784 -23.50 -16.20 -7.01
CA ILE B 784 -22.48 -16.94 -6.27
C ILE B 784 -21.11 -16.43 -6.70
N SER B 785 -20.29 -16.04 -5.73
CA SER B 785 -19.00 -15.42 -6.01
C SER B 785 -17.88 -16.36 -5.62
N LEU B 786 -17.14 -16.86 -6.61
CA LEU B 786 -15.93 -17.62 -6.35
C LEU B 786 -14.77 -16.65 -6.16
N THR B 787 -14.05 -16.80 -5.06
CA THR B 787 -12.90 -15.96 -4.73
C THR B 787 -11.76 -16.84 -4.26
N GLY B 788 -10.61 -16.71 -4.91
CA GLY B 788 -9.46 -17.50 -4.55
C GLY B 788 -8.59 -17.82 -5.75
N PRO B 789 -7.43 -18.44 -5.50
CA PRO B 789 -6.96 -18.83 -4.16
C PRO B 789 -6.38 -17.67 -3.37
N TYR B 790 -6.61 -17.67 -2.06
CA TYR B 790 -6.00 -16.70 -1.17
C TYR B 790 -5.59 -17.39 0.13
N LEU B 791 -4.73 -16.73 0.89
CA LEU B 791 -4.22 -17.29 2.13
C LEU B 791 -5.22 -17.06 3.26
N ASP B 792 -5.54 -18.13 3.98
CA ASP B 792 -6.56 -18.07 5.01
C ASP B 792 -6.03 -17.42 6.28
N VAL B 793 -6.91 -16.73 7.01
CA VAL B 793 -6.52 -16.09 8.25
C VAL B 793 -6.42 -17.11 9.38
N GLY B 794 -7.26 -18.15 9.36
CA GLY B 794 -7.32 -19.10 10.45
C GLY B 794 -6.21 -20.15 10.48
N GLY B 795 -5.45 -20.28 9.39
CA GLY B 795 -4.40 -21.26 9.33
C GLY B 795 -4.62 -22.40 8.36
N ALA B 796 -5.67 -22.37 7.56
CA ALA B 796 -5.98 -23.45 6.62
C ALA B 796 -5.12 -23.40 5.36
N GLY B 797 -4.21 -22.44 5.25
CA GLY B 797 -3.43 -22.32 4.03
C GLY B 797 -4.21 -21.59 2.94
N TYR B 798 -3.94 -21.99 1.70
CA TYR B 798 -4.65 -21.40 0.56
C TYR B 798 -6.04 -22.02 0.46
N VAL B 799 -7.05 -21.16 0.32
CA VAL B 799 -8.44 -21.59 0.33
C VAL B 799 -9.19 -20.88 -0.79
N VAL B 800 -10.35 -21.44 -1.15
CA VAL B 800 -11.28 -20.85 -2.10
C VAL B 800 -12.61 -20.64 -1.38
N THR B 801 -13.22 -19.48 -1.58
CA THR B 801 -14.40 -19.07 -0.85
C THR B 801 -15.56 -18.80 -1.79
N ILE B 802 -16.70 -19.43 -1.51
CA ILE B 802 -17.97 -19.07 -2.13
C ILE B 802 -18.65 -18.03 -1.26
N SER B 803 -19.01 -16.89 -1.84
CA SER B 803 -19.65 -15.82 -1.09
C SER B 803 -20.90 -15.35 -1.82
N HIS B 804 -21.87 -14.89 -1.04
CA HIS B 804 -23.16 -14.46 -1.56
C HIS B 804 -23.68 -13.33 -0.70
N THR B 805 -24.41 -12.40 -1.32
CA THR B 805 -24.94 -11.24 -0.62
C THR B 805 -26.38 -11.49 -0.17
N ILE B 806 -26.77 -10.82 0.91
CA ILE B 806 -28.14 -10.79 1.39
C ILE B 806 -28.65 -9.37 1.24
N HIS B 807 -29.83 -9.21 0.66
CA HIS B 807 -30.38 -7.90 0.38
C HIS B 807 -31.59 -7.61 1.27
N SER B 808 -31.96 -6.34 1.32
CA SER B 808 -33.10 -5.93 2.13
C SER B 808 -34.41 -6.51 1.59
N SER B 809 -34.50 -6.71 0.28
CA SER B 809 -35.66 -7.37 -0.32
C SER B 809 -35.24 -7.93 -1.67
N SER B 810 -35.99 -8.93 -2.13
CA SER B 810 -35.65 -9.62 -3.37
C SER B 810 -36.02 -8.84 -4.62
N THR B 811 -36.76 -7.74 -4.50
CA THR B 811 -37.15 -6.96 -5.67
C THR B 811 -36.10 -5.94 -6.08
N GLN B 812 -35.06 -5.73 -5.27
CA GLN B 812 -34.00 -4.79 -5.57
C GLN B 812 -32.66 -5.50 -5.40
N LEU B 813 -31.95 -5.68 -6.52
CA LEU B 813 -30.72 -6.47 -6.54
C LEU B 813 -29.48 -5.60 -6.75
N SER B 814 -29.52 -4.38 -6.23
CA SER B 814 -28.37 -3.48 -6.35
C SER B 814 -27.37 -3.74 -5.23
N SER B 815 -26.12 -3.31 -5.47
CA SER B 815 -25.07 -3.53 -4.49
C SER B 815 -25.33 -2.77 -3.19
N GLY B 816 -25.88 -1.56 -3.29
CA GLY B 816 -26.15 -0.76 -2.11
C GLY B 816 -27.17 -1.36 -1.17
N HIS B 817 -28.05 -2.24 -1.68
CA HIS B 817 -29.05 -2.90 -0.86
C HIS B 817 -28.50 -4.09 -0.07
N THR B 818 -27.19 -4.29 -0.09
CA THR B 818 -26.59 -5.40 0.65
C THR B 818 -26.62 -5.11 2.14
N VAL B 819 -27.29 -5.98 2.89
CA VAL B 819 -27.36 -5.87 4.34
C VAL B 819 -26.48 -6.90 5.05
N ALA B 820 -25.95 -7.88 4.32
CA ALA B 820 -25.03 -8.88 4.86
C ALA B 820 -24.50 -9.76 3.73
N VAL B 821 -23.29 -10.29 3.88
CA VAL B 821 -22.79 -11.28 2.93
C VAL B 821 -22.38 -12.52 3.70
N MET B 822 -22.57 -13.68 3.08
CA MET B 822 -22.21 -14.95 3.69
C MET B 822 -21.11 -15.61 2.87
N GLY B 823 -20.29 -16.41 3.54
CA GLY B 823 -19.17 -17.06 2.87
C GLY B 823 -18.88 -18.42 3.47
N ILE B 824 -18.45 -19.33 2.61
CA ILE B 824 -18.06 -20.68 3.00
C ILE B 824 -16.72 -21.00 2.35
N ASP B 825 -15.84 -21.66 3.09
CA ASP B 825 -14.45 -21.86 2.68
C ASP B 825 -14.17 -23.32 2.38
N PHE B 826 -13.39 -23.57 1.33
CA PHE B 826 -12.93 -24.89 0.97
C PHE B 826 -11.42 -24.84 0.71
N THR B 827 -10.77 -26.00 0.76
CA THR B 827 -9.34 -26.05 0.52
C THR B 827 -9.05 -25.91 -0.97
N LEU B 828 -7.76 -25.84 -1.28
CA LEU B 828 -7.33 -25.54 -2.64
C LEU B 828 -7.71 -26.66 -3.61
N ARG B 829 -7.67 -27.91 -3.16
CA ARG B 829 -7.93 -29.05 -4.01
C ARG B 829 -9.41 -29.39 -4.15
N TYR B 830 -10.29 -28.70 -3.44
CA TYR B 830 -11.69 -29.14 -3.38
C TYR B 830 -12.38 -29.02 -4.73
N PHE B 831 -12.30 -27.84 -5.35
CA PHE B 831 -13.06 -27.62 -6.59
C PHE B 831 -12.52 -28.40 -7.77
N TYR B 832 -11.31 -28.96 -7.68
CA TYR B 832 -10.89 -29.93 -8.68
C TYR B 832 -11.44 -31.31 -8.38
N LYS B 833 -11.53 -31.66 -7.10
CA LYS B 833 -12.21 -32.90 -6.72
C LYS B 833 -13.67 -32.89 -7.17
N VAL B 834 -14.32 -31.73 -7.06
CA VAL B 834 -15.68 -31.59 -7.58
C VAL B 834 -15.68 -31.71 -9.09
N LEU B 835 -14.70 -31.10 -9.75
CA LEU B 835 -14.67 -31.13 -11.22
C LEU B 835 -14.46 -32.55 -11.74
N MET B 836 -13.73 -33.38 -11.00
CA MET B 836 -13.52 -34.76 -11.43
C MET B 836 -14.76 -35.62 -11.15
N ASP B 837 -15.44 -35.37 -10.04
CA ASP B 837 -16.63 -36.15 -9.73
C ASP B 837 -17.80 -35.74 -10.61
N LEU B 838 -17.97 -34.43 -10.84
CA LEU B 838 -19.14 -33.95 -11.55
C LEU B 838 -19.03 -34.17 -13.05
N LEU B 839 -17.84 -34.06 -13.61
CA LEU B 839 -17.65 -34.16 -15.05
C LEU B 839 -16.77 -35.34 -15.41
N PRO B 840 -17.31 -36.38 -16.06
CA PRO B 840 -16.48 -37.55 -16.39
C PRO B 840 -15.46 -37.29 -17.48
N VAL B 841 -15.66 -36.27 -18.32
CA VAL B 841 -14.73 -35.99 -19.40
C VAL B 841 -13.34 -35.65 -18.87
N CYS B 842 -13.27 -35.03 -17.69
CA CYS B 842 -11.99 -34.62 -17.11
C CYS B 842 -11.15 -35.79 -16.61
N ASN B 843 -11.56 -37.03 -16.87
CA ASN B 843 -10.83 -38.21 -16.40
C ASN B 843 -10.33 -39.08 -17.55
N GLN B 844 -10.43 -38.61 -18.79
CA GLN B 844 -9.91 -39.40 -19.90
C GLN B 844 -8.40 -39.59 -19.79
N ASP B 845 -7.72 -38.64 -19.17
CA ASP B 845 -6.34 -38.82 -18.72
C ASP B 845 -6.17 -38.04 -17.42
N GLY B 846 -5.09 -38.33 -16.71
CA GLY B 846 -4.86 -37.71 -15.42
C GLY B 846 -4.60 -36.22 -15.48
N GLY B 847 -5.50 -35.47 -16.11
CA GLY B 847 -5.30 -34.04 -16.28
C GLY B 847 -4.07 -33.69 -17.07
N ASN B 848 -3.73 -34.52 -18.08
CA ASN B 848 -2.51 -34.32 -18.83
C ASN B 848 -2.77 -33.55 -20.12
N LYS B 849 -3.28 -34.23 -21.14
CA LYS B 849 -3.59 -33.59 -22.40
C LYS B 849 -5.04 -33.11 -22.49
N ILE B 850 -5.93 -33.69 -21.69
CA ILE B 850 -7.31 -33.25 -21.58
C ILE B 850 -7.48 -32.67 -20.17
N ARG B 851 -7.63 -31.35 -20.09
CA ARG B 851 -7.57 -30.63 -18.82
C ARG B 851 -8.83 -29.81 -18.61
N CYS B 852 -9.35 -29.86 -17.39
CA CYS B 852 -10.50 -29.07 -16.98
C CYS B 852 -10.07 -28.04 -15.93
N PHE B 853 -10.76 -26.90 -15.92
CA PHE B 853 -10.45 -25.85 -14.96
C PHE B 853 -11.69 -25.02 -14.69
N ILE B 854 -11.66 -24.27 -13.59
CA ILE B 854 -12.68 -23.28 -13.26
C ILE B 854 -11.97 -21.96 -13.03
N MET B 855 -12.45 -20.91 -13.69
CA MET B 855 -11.81 -19.60 -13.70
C MET B 855 -12.78 -18.55 -13.19
N GLU B 856 -12.35 -17.77 -12.20
CA GLU B 856 -13.15 -16.66 -11.72
C GLU B 856 -13.06 -15.48 -12.69
N ASP B 857 -13.87 -14.45 -12.44
CA ASP B 857 -13.97 -13.32 -13.36
C ASP B 857 -12.70 -12.46 -13.40
N ARG B 858 -11.68 -12.77 -12.60
CA ARG B 858 -10.41 -12.06 -12.68
C ARG B 858 -9.35 -12.83 -13.45
N GLY B 859 -9.59 -14.10 -13.76
CA GLY B 859 -8.64 -14.92 -14.47
C GLY B 859 -7.95 -15.96 -13.63
N TYR B 860 -8.14 -15.95 -12.31
CA TYR B 860 -7.48 -16.92 -11.46
C TYR B 860 -8.23 -18.24 -11.47
N LEU B 861 -7.48 -19.33 -11.34
CA LEU B 861 -8.04 -20.68 -11.38
C LEU B 861 -8.24 -21.21 -9.97
N VAL B 862 -9.45 -21.70 -9.68
CA VAL B 862 -9.72 -22.43 -8.46
C VAL B 862 -9.78 -23.95 -8.70
N ALA B 863 -10.09 -24.40 -9.92
CA ALA B 863 -9.95 -25.81 -10.26
C ALA B 863 -8.85 -25.95 -11.30
N HIS B 864 -8.14 -27.07 -11.23
CA HIS B 864 -6.82 -27.15 -11.83
C HIS B 864 -6.43 -28.60 -12.07
N PRO B 865 -5.79 -28.91 -13.19
CA PRO B 865 -5.12 -30.20 -13.28
C PRO B 865 -3.83 -30.15 -12.49
N THR B 866 -3.24 -28.96 -12.41
CA THR B 866 -1.97 -28.74 -11.75
C THR B 866 -2.08 -27.60 -10.75
N LEU B 867 -1.65 -27.85 -9.51
CA LEU B 867 -1.59 -26.84 -8.47
C LEU B 867 -0.66 -27.32 -7.37
N VAL B 868 0.63 -27.32 -7.65
CA VAL B 868 1.63 -27.92 -6.76
C VAL B 868 2.80 -26.96 -6.59
N ASP B 869 3.16 -26.27 -7.67
CA ASP B 869 4.32 -25.39 -7.67
C ASP B 869 4.42 -24.41 -6.50
N PRO B 870 3.31 -23.80 -5.96
CA PRO B 870 3.41 -22.81 -4.88
C PRO B 870 4.64 -22.88 -3.97
N LYS B 871 5.77 -22.41 -4.51
CA LYS B 871 7.05 -22.36 -3.81
C LYS B 871 8.07 -21.61 -4.66
N GLY B 872 9.36 -21.85 -4.45
CA GLY B 872 10.38 -21.16 -5.22
C GLY B 872 10.73 -21.85 -6.52
N HIS B 873 9.88 -21.69 -7.53
CA HIS B 873 10.11 -22.33 -8.84
C HIS B 873 9.14 -21.81 -9.89
N ALA B 874 8.20 -20.96 -9.49
CA ALA B 874 7.11 -20.54 -10.35
C ALA B 874 6.82 -19.06 -10.12
N PRO B 875 6.19 -18.39 -11.09
CA PRO B 875 5.85 -16.97 -10.90
C PRO B 875 4.89 -16.76 -9.73
N LEU B 876 4.78 -15.50 -9.32
CA LEU B 876 3.89 -15.16 -8.21
C LEU B 876 2.43 -15.28 -8.62
N GLU B 877 2.11 -14.99 -9.88
CA GLU B 877 0.75 -15.12 -10.42
C GLU B 877 0.57 -16.46 -11.12
N GLN B 878 1.18 -17.51 -10.59
CA GLN B 878 1.12 -18.82 -11.23
C GLN B 878 -0.28 -19.43 -11.21
N GLN B 879 -1.18 -18.90 -10.38
CA GLN B 879 -2.54 -19.41 -10.31
C GLN B 879 -3.47 -18.76 -11.31
N HIS B 880 -2.93 -18.01 -12.26
CA HIS B 880 -3.73 -17.29 -13.25
C HIS B 880 -3.85 -18.10 -14.54
N ILE B 881 -4.90 -17.82 -15.29
CA ILE B 881 -5.15 -18.53 -16.54
C ILE B 881 -4.03 -18.26 -17.54
N THR B 882 -3.38 -17.10 -17.45
CA THR B 882 -2.35 -16.74 -18.39
C THR B 882 -1.08 -17.57 -18.20
N HIS B 883 -0.85 -18.08 -17.00
CA HIS B 883 0.35 -18.87 -16.74
C HIS B 883 0.11 -20.37 -16.92
N LYS B 884 -1.05 -20.87 -16.50
CA LYS B 884 -1.32 -22.30 -16.57
C LYS B 884 -1.81 -22.76 -17.94
N GLU B 885 -2.49 -21.89 -18.68
CA GLU B 885 -2.96 -22.20 -20.03
C GLU B 885 -2.69 -20.99 -20.92
N PRO B 886 -1.44 -20.79 -21.34
CA PRO B 886 -1.10 -19.60 -22.13
C PRO B 886 -1.77 -19.56 -23.50
N LEU B 887 -2.13 -20.71 -24.07
CA LEU B 887 -2.74 -20.70 -25.40
C LEU B 887 -4.18 -20.18 -25.34
N VAL B 888 -5.02 -20.79 -24.51
CA VAL B 888 -6.40 -20.35 -24.44
C VAL B 888 -6.49 -18.94 -23.86
N ALA B 889 -5.51 -18.53 -23.06
CA ALA B 889 -5.46 -17.15 -22.58
C ALA B 889 -5.24 -16.18 -23.74
N ASN B 890 -4.35 -16.54 -24.67
CA ASN B 890 -4.15 -15.70 -25.85
C ASN B 890 -5.41 -15.66 -26.71
N ASP B 891 -6.14 -16.76 -26.80
CA ASP B 891 -7.28 -16.84 -27.71
C ASP B 891 -8.50 -16.11 -27.16
N ILE B 892 -8.80 -16.27 -25.87
CA ILE B 892 -9.97 -15.60 -25.31
C ILE B 892 -9.80 -14.08 -25.30
N LEU B 893 -8.55 -13.59 -25.33
CA LEU B 893 -8.33 -12.16 -25.44
C LEU B 893 -8.80 -11.60 -26.77
N ASN B 894 -9.02 -12.46 -27.77
CA ASN B 894 -9.52 -12.04 -29.06
C ASN B 894 -11.03 -12.13 -29.18
N HIS B 895 -11.69 -12.85 -28.29
CA HIS B 895 -13.14 -12.93 -28.32
C HIS B 895 -13.74 -11.55 -28.01
N PRO B 896 -14.60 -11.02 -28.86
CA PRO B 896 -15.12 -9.66 -28.62
C PRO B 896 -16.02 -9.62 -27.39
N ASN B 897 -15.95 -8.50 -26.68
CA ASN B 897 -16.74 -8.14 -25.50
C ASN B 897 -16.56 -9.09 -24.33
N PHE B 898 -15.64 -10.06 -24.40
CA PHE B 898 -15.48 -11.04 -23.33
C PHE B 898 -14.46 -10.59 -22.30
N VAL B 899 -13.29 -10.12 -22.73
CA VAL B 899 -12.22 -9.75 -21.80
C VAL B 899 -11.93 -8.26 -21.92
N LYS B 900 -11.41 -7.69 -20.85
CA LYS B 900 -10.95 -6.30 -20.84
C LYS B 900 -9.85 -6.18 -19.79
N LYS B 901 -8.66 -5.78 -20.23
CA LYS B 901 -7.54 -5.56 -19.31
C LYS B 901 -7.66 -4.17 -18.70
N ASN B 902 -7.53 -4.09 -17.37
CA ASN B 902 -7.76 -2.87 -16.64
C ASN B 902 -6.46 -2.33 -16.05
N LEU B 903 -6.44 -1.01 -15.86
CA LEU B 903 -5.34 -0.31 -15.22
C LEU B 903 -5.88 0.45 -14.01
N CYS B 904 -5.21 0.30 -12.87
CA CYS B 904 -5.57 1.06 -11.67
C CYS B 904 -4.30 1.51 -10.96
N ASN B 905 -4.39 2.67 -10.31
CA ASN B 905 -3.27 3.23 -9.57
C ASN B 905 -3.42 2.91 -8.09
N SER B 906 -2.32 2.51 -7.46
CA SER B 906 -2.28 2.21 -6.03
C SER B 906 -1.23 3.11 -5.40
N PHE B 907 -1.68 4.26 -4.89
CA PHE B 907 -0.78 5.23 -4.28
C PHE B 907 -0.23 4.77 -2.94
N SER B 908 -0.80 3.71 -2.36
CA SER B 908 -0.29 3.18 -1.10
C SER B 908 1.05 2.48 -1.26
N ASP B 909 1.36 1.97 -2.45
CA ASP B 909 2.65 1.34 -2.69
C ASP B 909 3.30 1.84 -3.98
N ARG B 910 2.91 3.01 -4.47
CA ARG B 910 3.44 3.65 -5.68
C ARG B 910 3.66 2.65 -6.82
N THR B 911 2.57 1.99 -7.20
CA THR B 911 2.58 1.05 -8.32
C THR B 911 1.29 1.23 -9.15
N VAL B 912 1.36 0.75 -10.39
CA VAL B 912 0.21 0.70 -11.28
C VAL B 912 -0.04 -0.76 -11.62
N GLN B 913 -1.24 -1.24 -11.33
CA GLN B 913 -1.57 -2.65 -11.42
C GLN B 913 -2.36 -2.95 -12.70
N ARG B 914 -2.07 -4.10 -13.30
CA ARG B 914 -2.79 -4.60 -14.47
C ARG B 914 -3.56 -5.85 -14.08
N SER B 915 -4.82 -5.92 -14.50
CA SER B 915 -5.68 -7.05 -14.16
C SER B 915 -6.65 -7.29 -15.31
N TYR B 916 -7.46 -8.34 -15.18
CA TYR B 916 -8.42 -8.72 -16.20
C TYR B 916 -9.83 -8.74 -15.61
N LYS B 917 -10.82 -8.68 -16.50
CA LYS B 917 -12.22 -8.67 -16.09
C LYS B 917 -13.05 -9.26 -17.23
N PHE B 918 -13.44 -10.52 -17.09
CA PHE B 918 -14.33 -11.19 -18.04
C PHE B 918 -15.76 -10.95 -17.59
N ASN B 919 -16.59 -10.38 -18.46
CA ASN B 919 -17.93 -9.98 -18.01
C ASN B 919 -18.82 -11.20 -17.88
N THR B 920 -19.39 -11.36 -16.68
CA THR B 920 -20.17 -12.52 -16.28
C THR B 920 -21.58 -12.50 -16.84
N SER B 921 -21.82 -11.77 -17.92
CA SER B 921 -23.05 -11.86 -18.68
C SER B 921 -22.88 -12.72 -19.93
N LEU B 922 -21.87 -13.60 -19.94
CA LEU B 922 -21.57 -14.39 -21.11
C LEU B 922 -22.66 -15.43 -21.36
N VAL B 923 -23.43 -15.23 -22.42
CA VAL B 923 -24.45 -16.18 -22.84
C VAL B 923 -23.87 -17.04 -23.95
N GLY B 924 -24.03 -18.35 -23.82
CA GLY B 924 -23.57 -19.26 -24.86
C GLY B 924 -22.25 -19.94 -24.56
N ASP B 925 -21.50 -20.25 -25.60
CA ASP B 925 -20.29 -21.05 -25.49
C ASP B 925 -19.19 -20.43 -26.34
N LEU B 926 -17.97 -20.47 -25.83
CA LEU B 926 -16.80 -19.91 -26.52
C LEU B 926 -15.84 -21.03 -26.88
N THR B 927 -15.36 -21.01 -28.12
CA THR B 927 -14.35 -21.97 -28.56
C THR B 927 -13.21 -21.24 -29.26
N ASN B 928 -12.33 -21.97 -29.93
CA ASN B 928 -11.16 -21.36 -30.55
C ASN B 928 -11.57 -20.40 -31.65
N LEU B 929 -11.04 -19.18 -31.58
CA LEU B 929 -11.30 -18.14 -32.57
C LEU B 929 -10.09 -17.80 -33.42
N VAL B 930 -8.88 -17.84 -32.85
CA VAL B 930 -7.68 -17.48 -33.58
C VAL B 930 -6.63 -18.57 -33.41
N HIS B 931 -6.33 -18.93 -32.17
CA HIS B 931 -5.23 -19.83 -31.86
C HIS B 931 -5.74 -21.23 -31.50
N GLY B 932 -4.96 -22.24 -31.87
CA GLY B 932 -5.22 -23.60 -31.45
C GLY B 932 -6.46 -24.23 -32.04
N SER B 933 -6.87 -23.83 -33.25
CA SER B 933 -8.06 -24.42 -33.85
C SER B 933 -7.86 -25.89 -34.20
N HIS B 934 -6.62 -26.37 -34.28
CA HIS B 934 -6.33 -27.74 -34.68
C HIS B 934 -5.61 -28.55 -33.61
N CYS B 935 -4.59 -27.99 -32.98
CA CYS B 935 -3.76 -28.74 -32.03
C CYS B 935 -4.24 -28.66 -30.60
N SER B 936 -5.09 -27.69 -30.26
CA SER B 936 -5.57 -27.57 -28.88
C SER B 936 -6.94 -26.90 -28.81
N LYS B 937 -7.99 -27.62 -29.21
CA LYS B 937 -9.33 -27.05 -29.15
C LYS B 937 -9.80 -26.93 -27.70
N TYR B 938 -10.55 -25.88 -27.42
CA TYR B 938 -11.04 -25.66 -26.06
C TYR B 938 -12.50 -25.22 -26.13
N ARG B 939 -13.18 -25.40 -25.00
CA ARG B 939 -14.55 -24.92 -24.80
C ARG B 939 -14.62 -24.19 -23.48
N LEU B 940 -15.16 -22.99 -23.50
CA LEU B 940 -15.26 -22.16 -22.30
C LEU B 940 -16.66 -21.57 -22.22
N THR B 941 -17.32 -21.76 -21.09
CA THR B 941 -18.65 -21.22 -20.86
C THR B 941 -18.78 -20.80 -19.40
N ARG B 942 -19.75 -19.94 -19.14
CA ARG B 942 -20.00 -19.48 -17.78
C ARG B 942 -20.84 -20.48 -17.02
N ILE B 943 -20.45 -20.75 -15.79
CA ILE B 943 -21.27 -21.54 -14.87
C ILE B 943 -22.48 -20.69 -14.52
N PRO B 944 -23.70 -21.14 -14.82
CA PRO B 944 -24.87 -20.28 -14.64
C PRO B 944 -25.08 -19.85 -13.20
N GLY B 945 -25.40 -18.57 -13.00
CA GLY B 945 -25.71 -18.05 -11.70
C GLY B 945 -24.51 -17.67 -10.84
N THR B 946 -23.29 -17.76 -11.38
CA THR B 946 -22.10 -17.43 -10.61
C THR B 946 -21.15 -16.62 -11.48
N ASN B 947 -20.12 -16.08 -10.84
CA ASN B 947 -19.11 -15.25 -11.49
C ASN B 947 -17.96 -16.08 -12.07
N ALA B 948 -18.09 -17.39 -12.12
CA ALA B 948 -17.02 -18.28 -12.55
C ALA B 948 -17.31 -18.85 -13.93
N PHE B 949 -16.27 -19.42 -14.53
CA PHE B 949 -16.34 -20.04 -15.84
C PHE B 949 -15.70 -21.41 -15.78
N VAL B 950 -16.23 -22.35 -16.56
CA VAL B 950 -15.70 -23.70 -16.66
C VAL B 950 -15.08 -23.88 -18.03
N GLY B 951 -13.93 -24.52 -18.07
CA GLY B 951 -13.21 -24.69 -19.32
C GLY B 951 -12.67 -26.09 -19.47
N ILE B 952 -12.62 -26.55 -20.71
CA ILE B 952 -12.08 -27.85 -21.09
C ILE B 952 -11.19 -27.65 -22.30
N VAL B 953 -9.99 -28.23 -22.26
CA VAL B 953 -9.02 -28.11 -23.34
C VAL B 953 -8.58 -29.50 -23.76
N ASN B 954 -8.53 -29.72 -25.08
CA ASN B 954 -8.15 -31.00 -25.68
C ASN B 954 -6.87 -30.78 -26.48
N GLU B 955 -5.73 -31.04 -25.84
CA GLU B 955 -4.42 -30.80 -26.45
C GLU B 955 -4.06 -32.00 -27.31
N THR B 956 -4.25 -31.88 -28.63
CA THR B 956 -3.95 -32.97 -29.54
C THR B 956 -2.51 -32.94 -30.04
N CYS B 957 -1.93 -31.76 -30.18
CA CYS B 957 -0.52 -31.63 -30.54
C CYS B 957 0.04 -30.35 -29.92
N ASP B 958 1.36 -30.28 -29.87
CA ASP B 958 2.03 -29.14 -29.25
C ASP B 958 1.76 -27.86 -30.04
N SER B 959 1.79 -26.74 -29.32
CA SER B 959 1.59 -25.43 -29.92
C SER B 959 2.41 -24.41 -29.15
N LEU B 960 2.81 -23.35 -29.84
CA LEU B 960 3.63 -22.30 -29.24
C LEU B 960 2.75 -21.15 -28.79
N ALA B 961 2.87 -20.78 -27.52
CA ALA B 961 2.10 -19.67 -26.96
C ALA B 961 2.77 -19.22 -25.67
N PHE B 962 2.94 -17.92 -25.51
CA PHE B 962 3.54 -17.35 -24.31
C PHE B 962 2.65 -16.27 -23.73
N CYS B 963 2.69 -16.15 -22.41
CA CYS B 963 2.11 -15.02 -21.70
C CYS B 963 3.15 -14.57 -20.68
N ALA B 964 3.66 -13.34 -20.85
CA ALA B 964 4.75 -12.85 -20.01
C ALA B 964 4.35 -12.88 -18.55
N CYS B 965 5.20 -13.51 -17.72
CA CYS B 965 4.94 -13.62 -16.29
C CYS B 965 6.28 -13.70 -15.57
N SER B 966 6.59 -12.67 -14.79
CA SER B 966 7.88 -12.60 -14.12
C SER B 966 8.01 -13.70 -13.07
N MET B 967 9.19 -14.30 -13.00
CA MET B 967 9.50 -15.33 -12.02
C MET B 967 10.38 -14.81 -10.89
N VAL B 968 10.61 -13.51 -10.83
CA VAL B 968 11.37 -12.91 -9.74
C VAL B 968 10.61 -11.80 -9.02
N ASP B 969 9.60 -11.20 -9.64
CA ASP B 969 8.81 -10.17 -8.98
C ASP B 969 7.44 -10.11 -9.65
N ARG B 970 6.82 -8.93 -9.65
CA ARG B 970 5.55 -8.71 -10.33
C ARG B 970 5.66 -7.59 -11.37
N LEU B 971 6.87 -7.27 -11.80
CA LEU B 971 7.06 -6.21 -12.79
C LEU B 971 6.57 -6.66 -14.15
N CYS B 972 5.80 -5.81 -14.83
CA CYS B 972 5.39 -6.09 -16.19
C CYS B 972 6.60 -6.09 -17.12
N LEU B 973 6.46 -6.81 -18.24
CA LEU B 973 7.54 -6.84 -19.23
C LEU B 973 7.74 -5.46 -19.84
N ASN B 974 6.66 -4.80 -20.24
CA ASN B 974 6.71 -3.48 -20.86
C ASN B 974 5.93 -2.51 -19.99
N CYS B 975 6.62 -1.55 -19.39
CA CYS B 975 6.00 -0.53 -18.56
C CYS B 975 5.85 0.81 -19.28
N HIS B 976 5.97 0.81 -20.61
CA HIS B 976 5.77 2.03 -21.39
C HIS B 976 4.33 2.16 -21.88
N ARG B 977 3.70 1.05 -22.26
CA ARG B 977 2.33 1.08 -22.73
C ARG B 977 1.67 -0.25 -22.37
N MET B 978 0.33 -0.25 -22.45
CA MET B 978 -0.47 -1.43 -22.17
C MET B 978 -1.30 -1.77 -23.41
N GLU B 979 -1.22 -3.02 -23.85
CA GLU B 979 -2.01 -3.51 -24.97
C GLU B 979 -3.05 -4.50 -24.46
N GLN B 980 -4.26 -4.41 -25.03
CA GLN B 980 -5.37 -5.23 -24.56
C GLN B 980 -5.17 -6.70 -24.92
N ASN B 981 -4.56 -6.99 -26.05
CA ASN B 981 -4.40 -8.36 -26.51
C ASN B 981 -3.03 -8.96 -26.21
N GLU B 982 -2.09 -8.17 -25.71
CA GLU B 982 -0.79 -8.69 -25.32
C GLU B 982 -0.94 -9.52 -24.05
N CYS B 983 -0.84 -10.84 -24.18
CA CYS B 983 -1.10 -11.72 -23.05
C CYS B 983 0.02 -11.61 -22.02
N GLU B 984 -0.36 -11.32 -20.78
CA GLU B 984 0.59 -11.22 -19.69
C GLU B 984 -0.17 -11.44 -18.38
N CYS B 985 0.45 -12.17 -17.46
CA CYS B 985 -0.17 -12.40 -16.16
C CYS B 985 -0.22 -11.10 -15.38
N PRO B 986 -1.10 -11.01 -14.37
CA PRO B 986 -1.19 -9.79 -13.57
C PRO B 986 0.16 -9.31 -13.10
N CYS B 987 0.43 -8.02 -13.29
CA CYS B 987 1.73 -7.46 -13.02
C CYS B 987 1.58 -6.00 -12.59
N GLU B 988 2.70 -5.39 -12.22
CA GLU B 988 2.70 -4.03 -11.72
C GLU B 988 3.86 -3.26 -12.33
N CYS B 989 3.66 -1.95 -12.47
CA CYS B 989 4.69 -1.02 -12.91
C CYS B 989 4.79 0.10 -11.90
N PRO B 990 5.99 0.64 -11.68
CA PRO B 990 6.15 1.71 -10.70
C PRO B 990 5.37 2.95 -11.10
N LEU B 991 4.65 3.51 -10.13
CA LEU B 991 3.84 4.71 -10.38
C LEU B 991 4.76 5.93 -10.39
N GLU B 992 4.70 6.71 -11.47
CA GLU B 992 5.50 7.91 -11.61
C GLU B 992 4.69 9.10 -11.10
N VAL B 993 5.05 9.58 -9.91
CA VAL B 993 4.37 10.72 -9.29
C VAL B 993 5.33 11.89 -9.27
N ASN B 994 4.85 13.07 -9.68
CA ASN B 994 5.64 14.29 -9.65
C ASN B 994 5.63 14.83 -8.22
N GLU B 995 6.71 14.57 -7.49
CA GLU B 995 6.79 14.98 -6.10
C GLU B 995 6.99 16.47 -5.91
N CYS B 996 7.33 17.20 -6.97
CA CYS B 996 7.45 18.65 -6.86
C CYS B 996 6.10 19.35 -6.93
N THR B 997 5.06 18.66 -7.42
CA THR B 997 3.73 19.24 -7.51
C THR B 997 2.63 18.37 -6.90
N GLY B 998 2.91 17.10 -6.60
CA GLY B 998 1.90 16.24 -6.03
C GLY B 998 0.92 15.63 -7.01
N ASN B 999 1.21 15.69 -8.29
CA ASN B 999 0.36 15.11 -9.33
C ASN B 999 1.10 13.98 -10.03
N LEU B 1000 0.40 13.32 -10.95
CA LEU B 1000 1.03 12.29 -11.76
C LEU B 1000 2.05 12.91 -12.70
N THR B 1001 3.19 12.23 -12.86
CA THR B 1001 4.25 12.76 -13.71
C THR B 1001 3.76 12.96 -15.14
N ASN B 1002 2.96 12.03 -15.65
CA ASN B 1002 2.34 12.15 -16.96
C ASN B 1002 0.84 12.29 -16.79
N ALA B 1003 0.27 13.33 -17.42
CA ALA B 1003 -1.18 13.51 -17.38
C ALA B 1003 -1.91 12.38 -18.10
N GLU B 1004 -1.24 11.66 -19.00
CA GLU B 1004 -1.82 10.50 -19.67
C GLU B 1004 -1.72 9.27 -18.76
N ASN B 1005 -2.40 9.36 -17.61
CA ASN B 1005 -2.31 8.32 -16.59
C ASN B 1005 -3.52 8.39 -15.67
N ARG B 1006 -4.65 8.90 -16.18
CA ARG B 1006 -5.83 9.11 -15.36
C ARG B 1006 -6.61 7.82 -15.17
N ASN B 1007 -5.94 6.76 -14.72
CA ASN B 1007 -6.62 5.52 -14.38
C ASN B 1007 -7.36 5.67 -13.06
N PRO B 1008 -8.39 4.86 -12.84
CA PRO B 1008 -9.01 4.80 -11.51
C PRO B 1008 -8.04 4.25 -10.48
N SER B 1009 -8.43 4.36 -9.22
CA SER B 1009 -7.57 3.93 -8.13
C SER B 1009 -7.91 2.49 -7.73
N CYS B 1010 -6.87 1.69 -7.52
CA CYS B 1010 -7.08 0.38 -6.90
C CYS B 1010 -7.59 0.59 -5.49
N GLU B 1011 -8.82 0.13 -5.23
CA GLU B 1011 -9.49 0.42 -3.98
C GLU B 1011 -8.76 -0.21 -2.79
N VAL B 1012 -8.73 -1.54 -2.73
CA VAL B 1012 -8.16 -2.23 -1.58
C VAL B 1012 -7.41 -3.46 -2.06
N HIS B 1013 -6.13 -3.54 -1.73
CA HIS B 1013 -5.40 -4.80 -1.65
C HIS B 1013 -4.63 -4.85 -0.33
N GLN B 1014 -5.31 -4.45 0.75
CA GLN B 1014 -4.73 -4.39 2.08
C GLN B 1014 -4.38 -5.78 2.60
N GLU B 1015 -3.13 -6.19 2.38
CA GLU B 1015 -2.62 -7.48 2.81
C GLU B 1015 -2.41 -7.58 4.33
N PRO B 1016 -1.89 -6.56 5.01
CA PRO B 1016 -1.57 -6.72 6.45
C PRO B 1016 -2.78 -7.13 7.27
N VAL B 1017 -2.67 -8.30 7.88
CA VAL B 1017 -3.68 -8.82 8.80
C VAL B 1017 -2.98 -9.73 9.80
N THR B 1018 -3.36 -9.63 11.07
CA THR B 1018 -2.73 -10.40 12.13
C THR B 1018 -3.27 -11.83 12.08
N TYR B 1019 -2.48 -12.74 11.51
CA TYR B 1019 -2.84 -14.14 11.50
C TYR B 1019 -2.82 -14.68 12.93
N THR B 1020 -3.87 -15.40 13.31
CA THR B 1020 -4.07 -15.80 14.70
C THR B 1020 -2.88 -16.61 15.21
N ALA B 1021 -2.46 -16.31 16.44
CA ALA B 1021 -1.30 -16.93 17.04
C ALA B 1021 -1.70 -18.19 17.80
N ILE B 1022 -0.84 -19.20 17.74
CA ILE B 1022 -1.00 -20.43 18.52
C ILE B 1022 0.34 -20.73 19.18
N ASP B 1023 0.28 -21.29 20.38
CA ASP B 1023 1.45 -21.44 21.23
C ASP B 1023 1.38 -22.75 22.00
N PRO B 1024 2.52 -23.23 22.49
CA PRO B 1024 2.49 -24.39 23.38
C PRO B 1024 1.76 -24.07 24.68
N GLY B 1025 1.47 -25.13 25.44
CA GLY B 1025 0.53 -25.04 26.53
C GLY B 1025 -0.91 -25.17 26.08
N LEU B 1026 -1.21 -24.75 24.86
CA LEU B 1026 -2.49 -25.00 24.23
C LEU B 1026 -2.41 -26.02 23.11
N GLN B 1027 -1.29 -26.07 22.40
CA GLN B 1027 -1.11 -27.03 21.32
C GLN B 1027 -1.02 -28.46 21.84
N ASP B 1028 -0.41 -28.67 23.00
CA ASP B 1028 -0.28 -30.00 23.57
C ASP B 1028 -1.42 -30.36 24.51
N ALA B 1029 -2.15 -29.37 25.03
CA ALA B 1029 -3.24 -29.68 25.94
C ALA B 1029 -4.52 -30.01 25.20
N LEU B 1030 -4.65 -29.53 23.97
CA LEU B 1030 -5.82 -29.78 23.13
C LEU B 1030 -5.38 -30.44 21.83
N GLN B 1031 -6.35 -30.98 21.09
CA GLN B 1031 -6.11 -31.62 19.81
C GLN B 1031 -7.02 -31.02 18.76
N GLN B 1032 -6.76 -31.38 17.50
CA GLN B 1032 -7.50 -30.82 16.38
C GLN B 1032 -8.99 -31.15 16.48
N CYS B 1033 -9.82 -30.24 15.95
CA CYS B 1033 -11.25 -30.44 16.00
C CYS B 1033 -11.68 -31.60 15.11
N VAL B 1034 -11.17 -31.65 13.89
CA VAL B 1034 -11.44 -32.73 12.94
C VAL B 1034 -10.12 -33.42 12.64
N ASN B 1035 -10.07 -34.73 12.86
CA ASN B 1035 -8.86 -35.52 12.64
C ASN B 1035 -9.19 -36.69 11.71
N SER B 1036 -9.58 -36.35 10.48
CA SER B 1036 -9.76 -37.36 9.45
C SER B 1036 -8.39 -37.82 8.98
N ARG B 1037 -8.02 -39.06 9.34
CA ARG B 1037 -6.67 -39.55 9.09
C ARG B 1037 -6.36 -39.60 7.61
N CYS B 1038 -5.41 -38.77 7.18
CA CYS B 1038 -5.03 -38.70 5.77
C CYS B 1038 -4.22 -39.92 5.32
N ASN B 1039 -3.63 -40.65 6.26
CA ASN B 1039 -2.80 -41.80 5.90
C ASN B 1039 -3.61 -42.94 5.32
N GLN B 1040 -4.93 -42.94 5.51
CA GLN B 1040 -5.78 -44.03 5.06
C GLN B 1040 -6.44 -43.77 3.72
N ARG B 1041 -6.02 -42.73 3.01
CA ARG B 1041 -6.53 -42.43 1.67
C ARG B 1041 -5.45 -42.78 0.64
N MET B 1042 -5.86 -43.50 -0.40
CA MET B 1042 -4.91 -44.11 -1.32
C MET B 1042 -5.01 -43.61 -2.76
N GLU B 1043 -5.97 -42.73 -3.07
CA GLU B 1043 -6.07 -42.17 -4.41
C GLU B 1043 -6.26 -40.66 -4.33
N SER B 1044 -6.05 -39.99 -5.47
CA SER B 1044 -6.16 -38.54 -5.50
C SER B 1044 -7.59 -38.07 -5.29
N GLY B 1045 -8.56 -38.80 -5.85
CA GLY B 1045 -9.95 -38.41 -5.69
C GLY B 1045 -10.44 -38.49 -4.26
N ASP B 1046 -9.80 -39.34 -3.45
CA ASP B 1046 -10.15 -39.47 -2.04
C ASP B 1046 -9.44 -38.45 -1.16
N CYS B 1047 -8.25 -38.00 -1.57
CA CYS B 1047 -7.45 -37.06 -0.78
C CYS B 1047 -7.74 -35.61 -1.14
N PHE B 1048 -8.08 -35.34 -2.40
CA PHE B 1048 -8.35 -33.98 -2.83
C PHE B 1048 -9.53 -33.40 -2.07
N GLY B 1049 -9.37 -32.17 -1.56
CA GLY B 1049 -10.44 -31.45 -0.92
C GLY B 1049 -10.55 -31.65 0.58
N VAL B 1050 -10.04 -32.77 1.12
CA VAL B 1050 -10.09 -32.98 2.56
C VAL B 1050 -9.30 -31.89 3.25
N LEU B 1051 -9.91 -31.25 4.24
CA LEU B 1051 -9.41 -29.95 4.71
C LEU B 1051 -8.08 -30.07 5.44
N ASP B 1052 -7.80 -31.21 6.08
CA ASP B 1052 -6.57 -31.40 6.82
C ASP B 1052 -5.57 -32.29 6.08
N CYS B 1053 -5.76 -32.47 4.77
CA CYS B 1053 -4.94 -33.39 4.00
C CYS B 1053 -4.42 -32.72 2.73
N GLU B 1054 -3.43 -33.36 2.13
CA GLU B 1054 -2.85 -32.92 0.87
C GLU B 1054 -2.25 -34.12 0.16
N TRP B 1055 -2.32 -34.11 -1.16
CA TRP B 1055 -1.84 -35.20 -2.00
C TRP B 1055 -0.39 -34.88 -2.40
N CYS B 1056 0.56 -35.53 -1.73
CA CYS B 1056 1.98 -35.30 -2.03
C CYS B 1056 2.36 -35.96 -3.35
N VAL B 1057 3.12 -35.24 -4.17
CA VAL B 1057 3.48 -35.73 -5.49
C VAL B 1057 4.95 -35.49 -5.79
N VAL B 1058 5.61 -34.68 -4.95
CA VAL B 1058 7.00 -34.29 -5.17
C VAL B 1058 7.82 -34.64 -3.94
N ASP B 1059 9.01 -35.18 -4.17
CA ASP B 1059 9.92 -35.54 -3.08
C ASP B 1059 10.48 -34.29 -2.41
N SER B 1060 11.19 -34.50 -1.30
CA SER B 1060 11.77 -33.40 -0.55
C SER B 1060 12.97 -32.78 -1.26
N ASP B 1061 13.41 -33.34 -2.39
CA ASP B 1061 14.56 -32.82 -3.11
C ASP B 1061 14.23 -31.59 -3.95
N GLY B 1062 12.99 -31.11 -3.91
CA GLY B 1062 12.65 -29.87 -4.57
C GLY B 1062 11.66 -30.01 -5.72
N LYS B 1063 12.07 -30.70 -6.79
CA LYS B 1063 11.20 -30.76 -7.98
C LYS B 1063 11.22 -32.13 -8.67
N THR B 1064 11.53 -33.21 -7.98
CA THR B 1064 11.54 -34.53 -8.58
C THR B 1064 10.19 -35.22 -8.35
N HIS B 1065 9.61 -35.73 -9.43
CA HIS B 1065 8.32 -36.42 -9.32
C HIS B 1065 8.47 -37.68 -8.47
N LEU B 1066 7.39 -38.03 -7.78
CA LEU B 1066 7.38 -39.20 -6.92
C LEU B 1066 6.89 -40.42 -7.67
N ASP B 1067 7.53 -41.56 -7.44
CA ASP B 1067 7.07 -42.84 -7.93
C ASP B 1067 5.95 -43.42 -7.05
N LYS B 1068 5.46 -42.65 -6.09
CA LYS B 1068 4.57 -43.17 -5.06
C LYS B 1068 3.78 -42.04 -4.40
N SER B 1069 2.85 -41.44 -5.14
CA SER B 1069 2.02 -40.39 -4.58
C SER B 1069 1.13 -40.94 -3.49
N TYR B 1070 1.01 -40.19 -2.39
CA TYR B 1070 0.25 -40.66 -1.24
C TYR B 1070 -0.37 -39.47 -0.52
N CYS B 1071 -1.39 -39.76 0.28
CA CYS B 1071 -2.11 -38.75 1.05
C CYS B 1071 -1.49 -38.63 2.43
N ALA B 1072 -1.31 -37.39 2.88
CA ALA B 1072 -0.67 -37.11 4.17
C ALA B 1072 -1.26 -35.82 4.72
N PRO B 1073 -1.14 -35.59 6.02
CA PRO B 1073 -1.58 -34.31 6.59
C PRO B 1073 -0.91 -33.13 5.91
N GLN B 1074 -1.62 -32.00 5.89
CA GLN B 1074 -1.14 -30.82 5.19
C GLN B 1074 0.21 -30.35 5.73
N LYS B 1075 0.50 -30.64 7.00
CA LYS B 1075 1.77 -30.22 7.60
C LYS B 1075 2.95 -30.92 6.94
N GLU B 1076 2.76 -32.12 6.38
CA GLU B 1076 3.87 -32.91 5.90
C GLU B 1076 4.26 -32.60 4.46
N CYS B 1077 3.33 -32.13 3.62
CA CYS B 1077 3.67 -31.82 2.23
C CYS B 1077 2.80 -30.64 1.76
N PHE B 1078 3.28 -29.43 2.04
CA PHE B 1078 2.59 -28.23 1.57
C PHE B 1078 2.72 -28.13 0.06
N GLY B 1079 1.59 -27.93 -0.62
CA GLY B 1079 1.55 -27.92 -2.06
C GLY B 1079 1.93 -29.23 -2.72
N GLY B 1080 1.90 -30.34 -2.00
CA GLY B 1080 2.29 -31.60 -2.59
C GLY B 1080 3.79 -31.83 -2.66
N ILE B 1081 4.58 -30.90 -2.12
CA ILE B 1081 6.04 -31.01 -2.12
C ILE B 1081 6.45 -31.40 -0.71
N VAL B 1082 6.85 -32.66 -0.54
CA VAL B 1082 7.20 -33.21 0.77
C VAL B 1082 8.25 -32.35 1.45
N GLY B 1083 7.94 -31.86 2.66
CA GLY B 1083 8.87 -31.05 3.41
C GLY B 1083 8.92 -29.58 3.02
N ALA B 1084 8.00 -29.12 2.17
CA ALA B 1084 7.97 -27.72 1.80
C ALA B 1084 7.64 -26.85 3.00
N LYS B 1085 8.02 -25.58 2.90
CA LYS B 1085 7.79 -24.64 4.00
C LYS B 1085 6.33 -24.19 4.03
N SER B 1086 5.88 -23.80 5.22
CA SER B 1086 4.51 -23.36 5.39
C SER B 1086 4.28 -22.07 4.59
N PRO B 1087 3.09 -21.89 4.01
CA PRO B 1087 2.83 -20.66 3.24
C PRO B 1087 2.78 -19.41 4.08
N TYR B 1088 2.63 -19.53 5.41
CA TYR B 1088 2.64 -18.35 6.27
C TYR B 1088 4.07 -17.87 6.52
N VAL B 1089 5.04 -18.78 6.55
CA VAL B 1089 6.44 -18.41 6.54
C VAL B 1089 6.92 -18.50 5.09
N ASP B 1090 6.42 -17.60 4.25
CA ASP B 1090 6.65 -17.59 2.80
C ASP B 1090 8.09 -17.88 2.40
#